data_8B4O
#
_entry.id   8B4O
#
_cell.length_a   1.00
_cell.length_b   1.00
_cell.length_c   1.00
_cell.angle_alpha   90.00
_cell.angle_beta   90.00
_cell.angle_gamma   90.00
#
_symmetry.space_group_name_H-M   'P 1'
#
loop_
_entity.id
_entity.type
_entity.pdbx_description
1 polymer 'Cytochrome bd-type quinol oxidase subunit II'
2 polymer 'Cytochrome BD ubiquinol oxidase subunit I'
3 non-polymer 'CIS-HEME D HYDROXYCHLORIN GAMMA-SPIROLACTONE'
4 non-polymer 'HEME B/C'
#
loop_
_entity_poly.entity_id
_entity_poly.type
_entity_poly.pdbx_seq_one_letter_code
_entity_poly.pdbx_strand_id
1 'polypeptide(L)'
;MDHNTFWFILIAFLFSGYFLLEGFDFGVGILAPIIGKDSAARNTVIRTIGPVWDGNEVWLIVAGGALFAAFPEWYATMFS
GMYLPLFLVLVSLIIRVVGLEWRKKVDDPRWQKWSDRAIFIGSWTPPLMWGFIFANILRGMPIKADHTIDAAAALPGMVN
VFAILGALAFTALFALHGLAFIRLKTAGRVRTDAAKAAPGVALLAAVTGGPFVLWAAIAYGRSWSWILAVLIIAAVLGGA
FALIKDRDGLSFLSTSVAVIGVVALLFSSLFPNVMPTTLADGVSLDIWNASASHYALTILTWTAAVIAPLVVLYQGWTYW
VFRKRLHAEPVSA
;
B
2 'polypeptide(L)'
;MDVVDIARWQFGITTVYHFIFVPLTIGLAPLVAIMQTFWQVTGKEHWYRATRFFGTVLLINFAVGVATGIVQEFQFGMNW
SEYSRFVGDVFGGPLALEGLIAFFLESVFLGLWIFGWGKIPGWLHTASIWIVAIATNISAYFIIVANSFMQHPVGAEYNP
ETGRAELTDFWALLTNSTALAAFPHAVAGGFLTAGTFVLGISGWWIIRAHRQAKKAEAEIESKHSMHRPALWVGWWTTVV
SSVALFITGDTQAKLMFVQQPMKMASAESLCETATDPNFSILTIGTHNNCDTVTHLIDVPFVLPFLAEGKFTGVTLQGVN
QLQAAAEQAYGPGNYSPNLFVTYWSFRAMIGLMLGSLAIAAIAWLLLRKKRTPTGKIARLFQIGSLIAIPFPFLANSAGW
IFTEMGRQPWVVHPNPESAGDARTEMIRMTVDMGVSDHAPWQVWLTLIGFTILYLILFVVWVWLIRRAVLIGPPEEGAPS
VEAKTGPATPIGSDMPMTPLQFTAAAPTTREKE
;
A
#
loop_
_chem_comp.id
_chem_comp.type
_chem_comp.name
_chem_comp.formula
HDD non-polymer 'CIS-HEME D HYDROXYCHLORIN GAMMA-SPIROLACTONE' 'C34 H32 Fe N4 O5'
HEB non-polymer 'HEME B/C' 'C34 H34 Fe N4 O4'
#
# COMPACT_ATOMS: atom_id res chain seq x y z
N MET A 1 32.39 -7.56 4.89
CA MET A 1 32.34 -6.22 4.33
C MET A 1 31.67 -5.25 5.29
N ASP A 2 31.66 -3.97 4.92
CA ASP A 2 31.00 -2.96 5.73
C ASP A 2 29.48 -3.15 5.68
N HIS A 3 28.78 -2.55 6.64
CA HIS A 3 27.32 -2.57 6.61
C HIS A 3 26.76 -1.77 5.44
N ASN A 4 27.43 -0.68 5.07
CA ASN A 4 26.97 0.14 3.95
C ASN A 4 26.95 -0.65 2.66
N THR A 5 28.01 -1.43 2.42
CA THR A 5 28.05 -2.29 1.24
C THR A 5 26.97 -3.36 1.31
N PHE A 6 26.75 -3.91 2.50
CA PHE A 6 25.75 -4.96 2.67
C PHE A 6 24.36 -4.42 2.34
N TRP A 7 24.06 -3.20 2.78
CA TRP A 7 22.73 -2.65 2.53
C TRP A 7 22.59 -2.11 1.11
N PHE A 8 23.69 -1.71 0.47
CA PHE A 8 23.61 -1.48 -0.97
C PHE A 8 23.24 -2.77 -1.70
N ILE A 9 23.86 -3.89 -1.32
CA ILE A 9 23.56 -5.17 -1.95
C ILE A 9 22.12 -5.58 -1.64
N LEU A 10 21.65 -5.28 -0.43
CA LEU A 10 20.28 -5.64 -0.07
C LEU A 10 19.25 -4.81 -0.81
N ILE A 11 19.52 -3.51 -0.99
CA ILE A 11 18.62 -2.68 -1.79
C ILE A 11 18.60 -3.17 -3.24
N ALA A 12 19.77 -3.53 -3.77
CA ALA A 12 19.80 -4.11 -5.11
C ALA A 12 19.01 -5.40 -5.18
N PHE A 13 19.09 -6.23 -4.13
CA PHE A 13 18.34 -7.49 -4.09
C PHE A 13 16.84 -7.22 -4.04
N LEU A 14 16.42 -6.23 -3.24
CA LEU A 14 15.00 -5.90 -3.14
C LEU A 14 14.47 -5.40 -4.47
N PHE A 15 15.22 -4.50 -5.11
CA PHE A 15 14.79 -3.98 -6.40
C PHE A 15 14.82 -5.06 -7.47
N SER A 16 15.73 -6.02 -7.37
CA SER A 16 15.76 -7.11 -8.33
C SER A 16 14.58 -8.04 -8.15
N GLY A 17 14.22 -8.33 -6.90
CA GLY A 17 13.02 -9.13 -6.65
C GLY A 17 11.77 -8.44 -7.15
N TYR A 18 11.65 -7.14 -6.87
CA TYR A 18 10.58 -6.35 -7.47
C TYR A 18 10.59 -6.48 -8.98
N PHE A 19 11.64 -6.02 -9.65
CA PHE A 19 11.66 -5.95 -11.10
C PHE A 19 11.43 -7.32 -11.72
N LEU A 20 11.81 -8.37 -10.99
CA LEU A 20 11.59 -9.75 -11.47
C LEU A 20 10.10 -10.12 -11.33
N LEU A 21 9.57 -10.10 -10.11
CA LEU A 21 8.16 -10.53 -9.86
C LEU A 21 7.17 -9.57 -10.51
N GLU A 22 7.33 -8.27 -10.30
CA GLU A 22 6.41 -7.26 -10.90
C GLU A 22 6.68 -7.16 -12.40
N GLY A 23 7.82 -7.67 -12.86
CA GLY A 23 8.15 -7.65 -14.29
C GLY A 23 7.21 -8.53 -15.10
N PHE A 24 7.07 -9.81 -14.74
CA PHE A 24 6.09 -10.68 -15.44
C PHE A 24 4.70 -10.09 -15.21
N ASP A 25 4.45 -9.54 -14.01
CA ASP A 25 3.17 -8.85 -13.71
C ASP A 25 2.86 -7.88 -14.84
N PHE A 26 3.79 -6.96 -15.14
CA PHE A 26 3.56 -5.96 -16.17
C PHE A 26 3.53 -6.59 -17.55
N GLY A 27 4.33 -7.64 -17.76
CA GLY A 27 4.26 -8.34 -19.04
C GLY A 27 2.90 -8.98 -19.26
N VAL A 28 2.36 -9.65 -18.24
CA VAL A 28 1.04 -10.24 -18.34
C VAL A 28 0.00 -9.17 -18.59
N GLY A 29 0.09 -8.04 -17.88
CA GLY A 29 -0.86 -6.97 -18.09
C GLY A 29 -0.80 -6.39 -19.49
N ILE A 30 0.40 -6.15 -20.00
CA ILE A 30 0.58 -5.60 -21.34
C ILE A 30 0.05 -6.58 -22.39
N LEU A 31 0.36 -7.86 -22.25
CA LEU A 31 0.02 -8.84 -23.26
C LEU A 31 -1.39 -9.41 -23.10
N ALA A 32 -2.12 -9.03 -22.05
CA ALA A 32 -3.49 -9.49 -21.93
C ALA A 32 -4.36 -9.06 -23.10
N PRO A 33 -4.43 -7.78 -23.48
CA PRO A 33 -5.27 -7.44 -24.64
C PRO A 33 -4.58 -7.74 -25.96
N ILE A 34 -3.29 -8.07 -25.93
CA ILE A 34 -2.57 -8.42 -27.15
C ILE A 34 -2.71 -9.90 -27.46
N ILE A 35 -2.59 -10.74 -26.43
CA ILE A 35 -2.69 -12.18 -26.63
C ILE A 35 -4.12 -12.68 -26.54
N GLY A 36 -4.94 -12.08 -25.68
CA GLY A 36 -6.29 -12.54 -25.45
C GLY A 36 -7.17 -12.56 -26.69
N LYS A 37 -7.43 -11.38 -27.26
CA LYS A 37 -8.31 -11.22 -28.42
C LYS A 37 -9.72 -11.75 -28.14
N ASP A 38 -10.04 -11.97 -26.87
CA ASP A 38 -11.25 -12.66 -26.46
C ASP A 38 -11.39 -12.52 -24.94
N SER A 39 -12.63 -12.39 -24.47
CA SER A 39 -12.86 -12.20 -23.04
C SER A 39 -12.38 -13.40 -22.24
N ALA A 40 -12.61 -14.62 -22.74
CA ALA A 40 -12.22 -15.81 -22.00
C ALA A 40 -10.70 -15.92 -21.87
N ALA A 41 -9.99 -15.59 -22.94
CA ALA A 41 -8.53 -15.70 -22.92
C ALA A 41 -7.90 -14.61 -22.05
N ARG A 42 -8.38 -13.37 -22.22
CA ARG A 42 -7.84 -12.26 -21.45
C ARG A 42 -8.09 -12.45 -19.97
N ASN A 43 -9.26 -12.98 -19.60
CA ASN A 43 -9.55 -13.24 -18.20
C ASN A 43 -8.59 -14.26 -17.61
N THR A 44 -8.29 -15.32 -18.36
CA THR A 44 -7.32 -16.31 -17.88
C THR A 44 -5.93 -15.70 -17.75
N VAL A 45 -5.54 -14.86 -18.70
CA VAL A 45 -4.24 -14.20 -18.63
C VAL A 45 -4.14 -13.36 -17.36
N ILE A 46 -5.17 -12.57 -17.07
CA ILE A 46 -5.16 -11.75 -15.85
C ILE A 46 -5.21 -12.65 -14.60
N ARG A 47 -5.89 -13.80 -14.71
CA ARG A 47 -6.01 -14.70 -13.58
C ARG A 47 -4.68 -15.38 -13.26
N THR A 48 -3.76 -15.42 -14.22
CA THR A 48 -2.45 -15.98 -13.94
C THR A 48 -1.74 -15.19 -12.84
N ILE A 49 -1.86 -13.87 -12.85
CA ILE A 49 -1.21 -13.03 -11.83
C ILE A 49 -2.16 -12.62 -10.74
N GLY A 50 -3.46 -12.89 -10.88
CA GLY A 50 -4.43 -12.56 -9.86
C GLY A 50 -4.04 -12.88 -8.43
N PRO A 51 -3.87 -14.18 -8.13
CA PRO A 51 -3.53 -14.56 -6.74
C PRO A 51 -2.21 -14.01 -6.24
N VAL A 52 -1.20 -13.86 -7.09
CA VAL A 52 0.09 -13.30 -6.65
C VAL A 52 0.50 -12.13 -7.53
N TRP A 53 0.03 -10.93 -7.18
CA TRP A 53 0.57 -9.69 -7.74
C TRP A 53 0.69 -8.68 -6.63
N ASP A 54 -0.12 -8.89 -5.58
CA ASP A 54 -0.14 -8.00 -4.39
C ASP A 54 1.20 -8.17 -3.67
N GLY A 55 1.66 -9.42 -3.55
CA GLY A 55 2.97 -9.71 -2.94
C GLY A 55 4.08 -9.07 -3.76
N ASN A 56 3.96 -9.14 -5.09
CA ASN A 56 4.95 -8.53 -6.01
C ASN A 56 4.96 -7.01 -5.78
N GLU A 57 3.78 -6.41 -5.62
CA GLU A 57 3.67 -4.97 -5.34
C GLU A 57 4.37 -4.69 -4.01
N VAL A 58 4.12 -5.53 -3.01
CA VAL A 58 4.73 -5.38 -1.65
C VAL A 58 6.25 -5.29 -1.81
N TRP A 59 6.84 -6.15 -2.64
CA TRP A 59 8.28 -6.14 -2.88
C TRP A 59 8.75 -4.73 -3.24
N LEU A 60 7.97 -4.04 -4.08
CA LEU A 60 8.27 -2.63 -4.36
C LEU A 60 8.17 -1.79 -3.09
N ILE A 61 7.14 -2.04 -2.29
CA ILE A 61 6.90 -1.26 -1.08
C ILE A 61 8.10 -1.38 -0.15
N VAL A 62 8.61 -2.60 -0.02
CA VAL A 62 9.72 -2.89 0.88
C VAL A 62 11.02 -2.33 0.31
N ALA A 63 11.18 -2.37 -1.01
CA ALA A 63 12.32 -1.70 -1.61
C ALA A 63 12.35 -0.23 -1.24
N GLY A 64 11.19 0.44 -1.37
CA GLY A 64 11.12 1.85 -1.00
C GLY A 64 11.40 2.08 0.48
N GLY A 65 10.79 1.26 1.34
CA GLY A 65 10.98 1.44 2.77
C GLY A 65 12.39 1.16 3.24
N ALA A 66 13.01 0.11 2.70
CA ALA A 66 14.37 -0.23 3.07
C ALA A 66 15.36 0.77 2.51
N LEU A 67 15.05 1.35 1.35
CA LEU A 67 15.91 2.41 0.85
C LEU A 67 15.72 3.71 1.62
N PHE A 68 14.56 3.90 2.23
CA PHE A 68 14.32 4.99 3.18
C PHE A 68 15.06 4.78 4.49
N ALA A 69 15.16 3.55 4.97
CA ALA A 69 15.79 3.28 6.26
C ALA A 69 17.31 3.15 6.15
N ALA A 70 17.79 2.43 5.14
CA ALA A 70 19.22 2.25 4.96
C ALA A 70 19.89 3.49 4.40
N PHE A 71 19.26 4.13 3.43
CA PHE A 71 19.85 5.28 2.71
C PHE A 71 18.85 6.42 2.64
N PRO A 72 18.60 7.11 3.76
CA PRO A 72 17.63 8.21 3.74
C PRO A 72 17.96 9.32 2.74
N GLU A 73 19.24 9.67 2.60
CA GLU A 73 19.63 10.70 1.65
C GLU A 73 19.33 10.28 0.22
N TRP A 74 19.63 9.02 -0.10
CA TRP A 74 19.30 8.48 -1.41
C TRP A 74 17.80 8.52 -1.66
N TYR A 75 17.02 8.10 -0.67
CA TYR A 75 15.57 8.10 -0.80
C TYR A 75 15.06 9.49 -1.11
N ALA A 76 15.44 10.46 -0.28
CA ALA A 76 14.95 11.82 -0.45
C ALA A 76 15.38 12.42 -1.78
N THR A 77 16.67 12.31 -2.11
CA THR A 77 17.17 12.92 -3.34
C THR A 77 16.54 12.30 -4.58
N MET A 78 16.49 10.96 -4.62
CA MET A 78 15.94 10.29 -5.80
C MET A 78 14.47 10.60 -5.97
N PHE A 79 13.70 10.63 -4.88
CA PHE A 79 12.26 10.74 -5.01
C PHE A 79 11.83 12.18 -5.20
N SER A 80 12.62 13.13 -4.71
CA SER A 80 12.27 14.55 -4.91
C SER A 80 12.76 15.06 -6.25
N GLY A 81 13.93 14.58 -6.70
CA GLY A 81 14.41 15.00 -8.01
C GLY A 81 13.57 14.46 -9.14
N MET A 82 13.11 13.21 -9.01
CA MET A 82 12.29 12.56 -10.02
C MET A 82 10.81 12.59 -9.67
N TYR A 83 10.31 13.80 -9.41
CA TYR A 83 8.97 13.97 -8.85
C TYR A 83 7.90 13.47 -9.81
N LEU A 84 7.77 14.12 -10.97
CA LEU A 84 6.71 13.82 -11.93
C LEU A 84 6.80 12.41 -12.53
N PRO A 85 7.99 11.91 -12.89
CA PRO A 85 8.05 10.50 -13.33
C PRO A 85 7.52 9.53 -12.28
N LEU A 86 7.85 9.77 -11.00
CA LEU A 86 7.35 8.92 -9.93
C LEU A 86 5.86 9.10 -9.75
N PHE A 87 5.35 10.32 -9.94
CA PHE A 87 3.93 10.56 -9.87
C PHE A 87 3.19 9.77 -10.95
N LEU A 88 3.76 9.71 -12.16
CA LEU A 88 3.16 8.90 -13.22
C LEU A 88 3.18 7.42 -12.87
N VAL A 89 4.30 6.94 -12.34
CA VAL A 89 4.38 5.54 -11.88
C VAL A 89 3.29 5.27 -10.86
N LEU A 90 3.12 6.17 -9.89
CA LEU A 90 2.16 5.94 -8.81
C LEU A 90 0.73 5.98 -9.33
N VAL A 91 0.41 6.93 -10.21
CA VAL A 91 -0.94 7.01 -10.75
C VAL A 91 -1.28 5.73 -11.52
N SER A 92 -0.35 5.28 -12.35
CA SER A 92 -0.60 4.05 -13.09
C SER A 92 -0.74 2.85 -12.15
N LEU A 93 0.02 2.83 -11.06
CA LEU A 93 -0.07 1.72 -10.11
C LEU A 93 -1.41 1.70 -9.41
N ILE A 94 -1.92 2.87 -9.01
CA ILE A 94 -3.25 2.95 -8.43
C ILE A 94 -4.30 2.41 -9.40
N ILE A 95 -4.24 2.89 -10.65
CA ILE A 95 -5.21 2.47 -11.65
C ILE A 95 -5.13 0.97 -11.89
N ARG A 96 -3.92 0.41 -11.88
CA ARG A 96 -3.77 -1.03 -12.03
C ARG A 96 -4.30 -1.78 -10.81
N VAL A 97 -4.10 -1.24 -9.61
CA VAL A 97 -4.60 -1.89 -8.41
C VAL A 97 -6.10 -2.08 -8.50
N VAL A 98 -6.82 -1.01 -8.83
CA VAL A 98 -8.26 -1.14 -8.92
C VAL A 98 -8.66 -2.01 -10.11
N GLY A 99 -7.97 -1.85 -11.25
CA GLY A 99 -8.33 -2.63 -12.42
C GLY A 99 -8.15 -4.11 -12.23
N LEU A 100 -7.19 -4.51 -11.40
CA LEU A 100 -6.98 -5.93 -11.14
C LEU A 100 -7.88 -6.46 -10.05
N GLU A 101 -8.02 -5.74 -8.93
CA GLU A 101 -8.81 -6.29 -7.83
C GLU A 101 -10.30 -6.23 -8.10
N TRP A 102 -10.81 -5.10 -8.61
CA TRP A 102 -12.23 -4.97 -8.86
C TRP A 102 -12.70 -5.68 -10.12
N ARG A 103 -11.79 -6.32 -10.85
CA ARG A 103 -12.12 -6.86 -12.16
C ARG A 103 -13.29 -7.83 -12.10
N LYS A 104 -13.40 -8.60 -11.01
CA LYS A 104 -14.41 -9.65 -10.91
C LYS A 104 -15.56 -9.28 -9.97
N LYS A 105 -15.65 -8.02 -9.54
CA LYS A 105 -16.76 -7.64 -8.68
C LYS A 105 -18.06 -7.54 -9.46
N VAL A 106 -17.98 -7.33 -10.78
CA VAL A 106 -19.15 -7.16 -11.64
C VAL A 106 -18.96 -8.00 -12.88
N ASP A 107 -20.00 -8.73 -13.28
CA ASP A 107 -19.97 -9.53 -14.51
C ASP A 107 -20.74 -8.79 -15.60
N ASP A 108 -20.05 -7.84 -16.24
CA ASP A 108 -20.64 -7.02 -17.29
C ASP A 108 -19.57 -6.51 -18.24
N PRO A 109 -19.83 -6.50 -19.54
CA PRO A 109 -18.79 -6.09 -20.50
C PRO A 109 -18.27 -4.67 -20.32
N ARG A 110 -19.13 -3.72 -19.92
CA ARG A 110 -18.64 -2.35 -19.71
C ARG A 110 -17.66 -2.28 -18.56
N TRP A 111 -17.97 -2.98 -17.46
CA TRP A 111 -17.07 -3.04 -16.32
C TRP A 111 -15.75 -3.68 -16.73
N GLN A 112 -15.81 -4.75 -17.52
CA GLN A 112 -14.60 -5.43 -17.95
C GLN A 112 -13.76 -4.56 -18.87
N LYS A 113 -14.40 -3.74 -19.72
CA LYS A 113 -13.62 -2.87 -20.60
C LYS A 113 -12.95 -1.76 -19.81
N TRP A 114 -13.62 -1.22 -18.79
CA TRP A 114 -12.96 -0.21 -17.96
C TRP A 114 -11.83 -0.83 -17.14
N SER A 115 -12.02 -2.07 -16.69
CA SER A 115 -10.94 -2.80 -16.03
C SER A 115 -9.76 -3.01 -16.97
N ASP A 116 -10.05 -3.32 -18.23
CA ASP A 116 -8.99 -3.52 -19.21
C ASP A 116 -8.22 -2.24 -19.45
N ARG A 117 -8.92 -1.10 -19.50
CA ARG A 117 -8.24 0.17 -19.65
C ARG A 117 -7.32 0.45 -18.45
N ALA A 118 -7.81 0.16 -17.25
CA ALA A 118 -7.01 0.34 -16.05
C ALA A 118 -5.77 -0.55 -16.07
N ILE A 119 -5.95 -1.80 -16.47
CA ILE A 119 -4.83 -2.75 -16.53
C ILE A 119 -3.82 -2.30 -17.58
N PHE A 120 -4.31 -1.81 -18.72
CA PHE A 120 -3.43 -1.30 -19.78
C PHE A 120 -2.56 -0.17 -19.25
N ILE A 121 -3.18 0.83 -18.62
CA ILE A 121 -2.43 1.98 -18.14
C ILE A 121 -1.40 1.54 -17.10
N GLY A 122 -1.83 0.72 -16.14
CA GLY A 122 -0.96 0.32 -15.05
C GLY A 122 0.06 -0.73 -15.42
N SER A 123 -0.06 -1.36 -16.59
CA SER A 123 0.95 -2.26 -17.09
C SER A 123 1.90 -1.61 -18.08
N TRP A 124 1.50 -0.49 -18.68
CA TRP A 124 2.38 0.21 -19.62
C TRP A 124 3.21 1.29 -18.96
N THR A 125 2.62 2.14 -18.12
CA THR A 125 3.37 3.26 -17.58
C THR A 125 4.51 2.83 -16.66
N PRO A 126 4.36 1.91 -15.71
CA PRO A 126 5.44 1.64 -14.74
C PRO A 126 6.71 1.12 -15.39
N PRO A 127 6.67 0.16 -16.33
CA PRO A 127 7.94 -0.26 -16.95
C PRO A 127 8.67 0.87 -17.65
N LEU A 128 7.96 1.64 -18.48
CA LEU A 128 8.56 2.77 -19.16
C LEU A 128 9.20 3.73 -18.16
N MET A 129 8.46 4.12 -17.13
CA MET A 129 8.93 5.22 -16.32
C MET A 129 9.97 4.75 -15.31
N TRP A 130 9.94 3.47 -14.94
CA TRP A 130 11.02 2.90 -14.13
C TRP A 130 12.32 2.84 -14.92
N GLY A 131 12.23 2.44 -16.19
CA GLY A 131 13.42 2.49 -17.04
C GLY A 131 13.97 3.90 -17.17
N PHE A 132 13.07 4.86 -17.36
CA PHE A 132 13.46 6.27 -17.42
C PHE A 132 14.19 6.69 -16.15
N ILE A 133 13.60 6.38 -14.99
CA ILE A 133 14.15 6.78 -13.70
C ILE A 133 15.52 6.14 -13.47
N PHE A 134 15.65 4.84 -13.74
CA PHE A 134 16.89 4.17 -13.41
C PHE A 134 18.00 4.53 -14.39
N ALA A 135 17.67 4.73 -15.66
CA ALA A 135 18.66 5.24 -16.60
C ALA A 135 19.14 6.61 -16.19
N ASN A 136 18.24 7.47 -15.72
CA ASN A 136 18.68 8.79 -15.25
C ASN A 136 19.53 8.69 -14.00
N ILE A 137 19.22 7.73 -13.13
CA ILE A 137 20.04 7.50 -11.93
C ILE A 137 21.46 7.12 -12.34
N LEU A 138 21.58 6.18 -13.28
CA LEU A 138 22.90 5.71 -13.70
C LEU A 138 23.67 6.80 -14.44
N ARG A 139 23.00 7.54 -15.32
CA ARG A 139 23.69 8.61 -16.05
C ARG A 139 24.13 9.72 -15.11
N GLY A 140 23.28 10.10 -14.17
CA GLY A 140 23.58 11.20 -13.27
C GLY A 140 22.47 12.23 -13.24
N MET A 141 22.44 13.05 -12.20
CA MET A 141 21.40 14.04 -12.03
C MET A 141 22.03 15.34 -11.53
N PRO A 142 21.36 16.48 -11.72
CA PRO A 142 21.90 17.74 -11.22
C PRO A 142 21.87 17.85 -9.70
N ILE A 143 22.84 17.21 -9.05
CA ILE A 143 22.87 17.14 -7.60
C ILE A 143 23.75 18.25 -7.04
N LYS A 144 23.22 18.99 -6.08
CA LYS A 144 23.89 20.15 -5.54
C LYS A 144 24.80 19.77 -4.38
N ALA A 145 25.35 20.78 -3.71
CA ALA A 145 26.20 20.53 -2.54
C ALA A 145 25.37 20.01 -1.37
N ASP A 146 24.11 20.42 -1.27
CA ASP A 146 23.23 19.95 -0.22
C ASP A 146 22.47 18.68 -0.60
N HIS A 147 22.94 17.94 -1.60
CA HIS A 147 22.36 16.67 -2.01
C HIS A 147 20.92 16.82 -2.48
N THR A 148 20.59 17.95 -3.10
CA THR A 148 19.23 18.24 -3.51
C THR A 148 19.18 18.49 -5.01
N ILE A 149 18.15 17.94 -5.65
CA ILE A 149 17.92 18.11 -7.08
C ILE A 149 16.75 19.07 -7.27
N ASP A 150 16.91 19.99 -8.23
CA ASP A 150 15.88 21.01 -8.48
C ASP A 150 14.59 20.39 -9.00
N ALA A 151 14.69 19.42 -9.91
CA ALA A 151 13.57 18.63 -10.43
C ALA A 151 12.67 19.43 -11.37
N ALA A 152 12.88 20.74 -11.45
CA ALA A 152 12.19 21.53 -12.46
C ALA A 152 13.14 21.85 -13.60
N ALA A 153 14.36 22.30 -13.26
CA ALA A 153 15.41 22.39 -14.26
C ALA A 153 15.90 21.02 -14.68
N ALA A 154 15.89 20.05 -13.76
CA ALA A 154 16.38 18.71 -14.06
C ALA A 154 15.42 17.90 -14.92
N LEU A 155 14.14 18.26 -14.93
CA LEU A 155 13.17 17.47 -15.71
C LEU A 155 13.45 17.49 -17.20
N PRO A 156 13.67 18.65 -17.85
CA PRO A 156 14.03 18.61 -19.28
C PRO A 156 15.29 17.81 -19.55
N GLY A 157 16.30 17.94 -18.68
CA GLY A 157 17.53 17.18 -18.87
C GLY A 157 17.30 15.67 -18.79
N MET A 158 16.34 15.25 -17.98
CA MET A 158 15.99 13.84 -17.89
C MET A 158 15.51 13.29 -19.22
N VAL A 159 14.91 14.11 -20.07
CA VAL A 159 14.41 13.64 -21.35
C VAL A 159 15.58 13.63 -22.32
N ASN A 160 16.30 12.51 -22.35
CA ASN A 160 17.49 12.34 -23.18
C ASN A 160 17.47 10.95 -23.79
N VAL A 161 18.41 10.72 -24.71
CA VAL A 161 18.40 9.50 -25.50
C VAL A 161 18.57 8.29 -24.60
N PHE A 162 19.48 8.38 -23.62
CA PHE A 162 19.79 7.24 -22.77
C PHE A 162 18.57 6.85 -21.92
N ALA A 163 17.87 7.83 -21.35
CA ALA A 163 16.69 7.54 -20.55
C ALA A 163 15.56 6.95 -21.38
N ILE A 164 15.33 7.51 -22.58
CA ILE A 164 14.27 7.00 -23.44
C ILE A 164 14.56 5.56 -23.85
N LEU A 165 15.81 5.30 -24.23
CA LEU A 165 16.20 3.94 -24.59
C LEU A 165 16.06 3.00 -23.41
N GLY A 166 16.38 3.48 -22.20
CA GLY A 166 16.19 2.67 -21.01
C GLY A 166 14.73 2.35 -20.75
N ALA A 167 13.86 3.34 -20.96
CA ALA A 167 12.43 3.14 -20.79
C ALA A 167 11.92 2.05 -21.73
N LEU A 168 12.29 2.16 -23.01
CA LEU A 168 11.87 1.16 -23.98
C LEU A 168 12.45 -0.21 -23.66
N ALA A 169 13.70 -0.24 -23.19
CA ALA A 169 14.36 -1.49 -22.84
C ALA A 169 13.65 -2.17 -21.68
N PHE A 170 13.28 -1.39 -20.66
CA PHE A 170 12.56 -1.94 -19.52
C PHE A 170 11.21 -2.49 -19.95
N THR A 171 10.48 -1.75 -20.78
CA THR A 171 9.18 -2.21 -21.22
C THR A 171 9.29 -3.50 -22.04
N ALA A 172 10.26 -3.55 -22.96
CA ALA A 172 10.44 -4.74 -23.78
C ALA A 172 10.87 -5.93 -22.94
N LEU A 173 11.77 -5.70 -21.97
CA LEU A 173 12.23 -6.78 -21.10
C LEU A 173 11.10 -7.33 -20.26
N PHE A 174 10.28 -6.44 -19.69
CA PHE A 174 9.18 -6.93 -18.86
C PHE A 174 8.09 -7.57 -19.70
N ALA A 175 7.93 -7.14 -20.95
CA ALA A 175 7.02 -7.83 -21.86
C ALA A 175 7.49 -9.24 -22.14
N LEU A 176 8.79 -9.41 -22.40
CA LEU A 176 9.33 -10.75 -22.62
C LEU A 176 9.20 -11.61 -21.37
N HIS A 177 9.44 -11.02 -20.21
CA HIS A 177 9.30 -11.73 -18.94
C HIS A 177 7.88 -12.19 -18.70
N GLY A 178 6.92 -11.29 -18.90
CA GLY A 178 5.52 -11.66 -18.77
C GLY A 178 5.09 -12.70 -19.78
N LEU A 179 5.65 -12.63 -20.98
CA LEU A 179 5.34 -13.63 -22.00
C LEU A 179 5.81 -15.02 -21.57
N ALA A 180 7.05 -15.12 -21.08
CA ALA A 180 7.54 -16.40 -20.59
C ALA A 180 6.72 -16.88 -19.40
N PHE A 181 6.28 -15.95 -18.56
CA PHE A 181 5.43 -16.30 -17.43
C PHE A 181 4.11 -16.89 -17.90
N ILE A 182 3.47 -16.26 -18.89
CA ILE A 182 2.22 -16.77 -19.44
C ILE A 182 2.42 -18.14 -20.04
N ARG A 183 3.52 -18.33 -20.76
CA ARG A 183 3.84 -19.65 -21.29
C ARG A 183 3.95 -20.69 -20.18
N LEU A 184 4.49 -20.30 -19.03
CA LEU A 184 4.65 -21.22 -17.91
C LEU A 184 3.34 -21.50 -17.15
N LYS A 185 2.47 -20.52 -17.00
CA LYS A 185 1.34 -20.61 -16.08
C LYS A 185 -0.01 -20.73 -16.77
N THR A 186 -0.04 -21.08 -18.05
CA THR A 186 -1.29 -21.29 -18.76
C THR A 186 -1.25 -22.62 -19.50
N ALA A 187 -2.41 -23.11 -19.90
CA ALA A 187 -2.53 -24.31 -20.71
C ALA A 187 -3.64 -24.11 -21.73
N GLY A 188 -3.56 -24.83 -22.85
CA GLY A 188 -4.59 -24.76 -23.86
C GLY A 188 -4.30 -23.79 -24.98
N ARG A 189 -5.33 -23.08 -25.45
CA ARG A 189 -5.16 -22.20 -26.59
C ARG A 189 -4.45 -20.90 -26.21
N VAL A 190 -4.56 -20.47 -24.96
CA VAL A 190 -3.92 -19.22 -24.54
C VAL A 190 -2.41 -19.33 -24.64
N ARG A 191 -1.88 -20.48 -24.22
CA ARG A 191 -0.45 -20.72 -24.33
C ARG A 191 0.01 -20.67 -25.79
N THR A 192 -0.78 -21.26 -26.69
CA THR A 192 -0.43 -21.23 -28.10
C THR A 192 -0.49 -19.80 -28.66
N ASP A 193 -1.45 -19.01 -28.21
CA ASP A 193 -1.51 -17.61 -28.64
C ASP A 193 -0.29 -16.84 -28.14
N ALA A 194 0.15 -17.12 -26.92
CA ALA A 194 1.38 -16.49 -26.42
C ALA A 194 2.58 -16.89 -27.26
N ALA A 195 2.65 -18.16 -27.65
CA ALA A 195 3.72 -18.61 -28.54
C ALA A 195 3.64 -17.88 -29.88
N LYS A 196 2.42 -17.60 -30.34
CA LYS A 196 2.23 -16.89 -31.63
C LYS A 196 2.79 -15.47 -31.52
N ALA A 197 2.62 -14.81 -30.36
CA ALA A 197 3.06 -13.41 -30.20
C ALA A 197 4.49 -13.35 -29.66
N ALA A 198 5.14 -14.51 -29.50
CA ALA A 198 6.50 -14.55 -28.93
C ALA A 198 7.50 -13.78 -29.81
N PRO A 199 7.54 -14.00 -31.14
CA PRO A 199 8.56 -13.36 -31.99
C PRO A 199 8.63 -11.83 -31.83
N GLY A 200 7.48 -11.14 -31.94
CA GLY A 200 7.48 -9.67 -31.86
C GLY A 200 8.03 -9.18 -30.53
N VAL A 201 7.59 -9.79 -29.43
CA VAL A 201 8.05 -9.37 -28.07
C VAL A 201 9.56 -9.60 -27.97
N ALA A 202 10.03 -10.77 -28.42
CA ALA A 202 11.47 -11.10 -28.34
C ALA A 202 12.26 -10.08 -29.16
N LEU A 203 11.94 -9.94 -30.46
CA LEU A 203 12.69 -9.02 -31.31
C LEU A 203 12.83 -7.65 -30.66
N LEU A 204 11.74 -7.13 -30.10
CA LEU A 204 11.78 -5.81 -29.49
C LEU A 204 12.73 -5.79 -28.30
N ALA A 205 12.68 -6.84 -27.48
CA ALA A 205 13.60 -6.94 -26.34
C ALA A 205 15.05 -6.98 -26.81
N ALA A 206 15.35 -7.84 -27.78
CA ALA A 206 16.72 -7.95 -28.27
C ALA A 206 17.21 -6.66 -28.91
N VAL A 207 16.32 -5.93 -29.60
CA VAL A 207 16.77 -4.76 -30.33
C VAL A 207 16.82 -3.51 -29.47
N THR A 208 16.13 -3.50 -28.33
CA THR A 208 16.17 -2.32 -27.48
C THR A 208 17.03 -2.50 -26.24
N GLY A 209 16.87 -3.60 -25.51
CA GLY A 209 17.64 -3.78 -24.30
C GLY A 209 19.13 -3.94 -24.57
N GLY A 210 19.47 -4.71 -25.60
CA GLY A 210 20.85 -4.97 -25.96
C GLY A 210 21.68 -3.71 -26.15
N PRO A 211 21.24 -2.83 -27.04
CA PRO A 211 21.89 -1.52 -27.15
C PRO A 211 21.93 -0.78 -25.82
N PHE A 212 20.81 -0.78 -25.09
CA PHE A 212 20.77 -0.06 -23.82
C PHE A 212 21.71 -0.68 -22.80
N VAL A 213 21.70 -2.02 -22.69
CA VAL A 213 22.51 -2.66 -21.67
C VAL A 213 23.99 -2.47 -21.97
N LEU A 214 24.36 -2.59 -23.25
CA LEU A 214 25.76 -2.39 -23.63
C LEU A 214 26.18 -0.95 -23.41
N TRP A 215 25.32 0.02 -23.77
CA TRP A 215 25.66 1.42 -23.59
C TRP A 215 25.81 1.76 -22.11
N ALA A 216 24.90 1.29 -21.28
CA ALA A 216 24.98 1.57 -19.85
C ALA A 216 26.19 0.89 -19.23
N ALA A 217 26.53 -0.30 -19.70
CA ALA A 217 27.71 -1.00 -19.17
C ALA A 217 29.00 -0.31 -19.58
N ILE A 218 29.10 0.16 -20.81
CA ILE A 218 30.34 0.73 -21.31
C ILE A 218 30.53 2.15 -20.81
N ALA A 219 29.54 3.02 -21.03
CA ALA A 219 29.73 4.44 -20.73
C ALA A 219 29.83 4.69 -19.24
N TYR A 220 28.96 4.08 -18.45
CA TYR A 220 28.85 4.38 -17.02
C TYR A 220 29.19 3.21 -16.12
N GLY A 221 29.73 2.13 -16.69
CA GLY A 221 30.08 0.95 -15.92
C GLY A 221 31.57 0.74 -15.78
N ARG A 222 31.92 -0.42 -15.24
CA ARG A 222 33.30 -0.81 -15.00
C ARG A 222 33.80 -1.78 -16.07
N SER A 223 34.99 -2.33 -15.83
CA SER A 223 35.66 -3.11 -16.87
C SER A 223 34.96 -4.45 -17.10
N TRP A 224 34.25 -4.96 -16.11
CA TRP A 224 33.48 -6.19 -16.27
C TRP A 224 32.00 -5.91 -16.56
N SER A 225 31.62 -4.64 -16.67
CA SER A 225 30.24 -4.30 -16.98
C SER A 225 29.86 -4.82 -18.36
N TRP A 226 30.80 -4.84 -19.29
CA TRP A 226 30.52 -5.42 -20.61
C TRP A 226 30.26 -6.92 -20.48
N ILE A 227 30.98 -7.61 -19.59
CA ILE A 227 30.70 -9.03 -19.35
C ILE A 227 29.28 -9.19 -18.85
N LEU A 228 28.88 -8.35 -17.89
CA LEU A 228 27.53 -8.46 -17.34
C LEU A 228 26.47 -8.16 -18.39
N ALA A 229 26.73 -7.17 -19.25
CA ALA A 229 25.81 -6.85 -20.34
C ALA A 229 25.69 -8.01 -21.32
N VAL A 230 26.81 -8.66 -21.61
CA VAL A 230 26.78 -9.84 -22.48
C VAL A 230 25.96 -10.95 -21.83
N LEU A 231 26.09 -11.11 -20.51
CA LEU A 231 25.28 -12.11 -19.82
C LEU A 231 23.80 -11.79 -19.92
N ILE A 232 23.45 -10.51 -19.80
CA ILE A 232 22.04 -10.10 -19.90
C ILE A 232 21.50 -10.38 -21.29
N ILE A 233 22.28 -10.03 -22.33
CA ILE A 233 21.84 -10.27 -23.70
C ILE A 233 21.70 -11.77 -23.97
N ALA A 234 22.67 -12.56 -23.50
CA ALA A 234 22.60 -13.99 -23.68
C ALA A 234 21.39 -14.59 -22.95
N ALA A 235 21.07 -14.04 -21.77
CA ALA A 235 19.90 -14.51 -21.04
C ALA A 235 18.62 -14.19 -21.80
N VAL A 236 18.53 -13.00 -22.37
CA VAL A 236 17.36 -12.65 -23.18
C VAL A 236 17.24 -13.59 -24.37
N LEU A 237 18.35 -13.86 -25.05
CA LEU A 237 18.35 -14.75 -26.20
C LEU A 237 17.93 -16.16 -25.79
N GLY A 238 18.46 -16.65 -24.66
CA GLY A 238 18.08 -17.97 -24.20
C GLY A 238 16.62 -18.07 -23.80
N GLY A 239 16.10 -17.04 -23.14
CA GLY A 239 14.69 -17.03 -22.79
C GLY A 239 13.81 -17.04 -24.02
N ALA A 240 14.14 -16.21 -25.00
CA ALA A 240 13.42 -16.24 -26.27
C ALA A 240 13.61 -17.58 -26.97
N PHE A 241 14.81 -18.16 -26.87
CA PHE A 241 15.08 -19.44 -27.53
C PHE A 241 14.38 -20.58 -26.82
N ALA A 242 14.45 -20.62 -25.49
CA ALA A 242 13.83 -21.69 -24.74
C ALA A 242 12.32 -21.69 -24.90
N LEU A 243 11.73 -20.51 -25.14
CA LEU A 243 10.31 -20.44 -25.43
C LEU A 243 9.98 -21.18 -26.73
N ILE A 244 10.83 -21.03 -27.74
CA ILE A 244 10.62 -21.72 -29.01
C ILE A 244 10.72 -23.22 -28.84
N LYS A 245 11.67 -23.68 -28.02
CA LYS A 245 11.84 -25.11 -27.75
C LYS A 245 10.88 -25.64 -26.71
N ASP A 246 9.82 -24.89 -26.37
CA ASP A 246 8.82 -25.26 -25.39
C ASP A 246 9.39 -25.47 -23.99
N ARG A 247 10.46 -24.77 -23.64
CA ARG A 247 11.03 -24.83 -22.29
C ARG A 247 10.54 -23.63 -21.47
N ASP A 248 9.22 -23.62 -21.23
CA ASP A 248 8.59 -22.51 -20.54
C ASP A 248 9.12 -22.34 -19.13
N GLY A 249 9.53 -23.43 -18.50
CA GLY A 249 10.24 -23.32 -17.23
C GLY A 249 11.60 -22.68 -17.39
N LEU A 250 12.35 -23.11 -18.41
CA LEU A 250 13.68 -22.54 -18.65
C LEU A 250 13.59 -21.17 -19.31
N SER A 251 12.53 -20.91 -20.07
CA SER A 251 12.35 -19.59 -20.67
C SER A 251 12.12 -18.53 -19.60
N PHE A 252 11.24 -18.83 -18.64
CA PHE A 252 11.01 -17.91 -17.54
C PHE A 252 12.25 -17.77 -16.67
N LEU A 253 12.98 -18.88 -16.46
CA LEU A 253 14.21 -18.81 -15.69
C LEU A 253 15.25 -17.92 -16.38
N SER A 254 15.37 -18.02 -17.69
CA SER A 254 16.34 -17.23 -18.42
C SER A 254 15.96 -15.76 -18.44
N THR A 255 14.69 -15.46 -18.65
CA THR A 255 14.28 -14.05 -18.59
C THR A 255 14.39 -13.52 -17.17
N SER A 256 14.24 -14.39 -16.18
CA SER A 256 14.50 -14.01 -14.80
C SER A 256 15.96 -13.61 -14.62
N VAL A 257 16.87 -14.45 -15.13
CA VAL A 257 18.29 -14.13 -15.09
C VAL A 257 18.56 -12.81 -15.79
N ALA A 258 17.87 -12.56 -16.91
CA ALA A 258 18.06 -11.32 -17.65
C ALA A 258 17.64 -10.10 -16.82
N VAL A 259 16.48 -10.18 -16.17
CA VAL A 259 16.00 -9.04 -15.38
C VAL A 259 16.92 -8.80 -14.18
N ILE A 260 17.27 -9.88 -13.47
CA ILE A 260 18.18 -9.73 -12.33
C ILE A 260 19.52 -9.21 -12.78
N GLY A 261 19.97 -9.62 -13.97
CA GLY A 261 21.21 -9.09 -14.50
C GLY A 261 21.14 -7.62 -14.81
N VAL A 262 20.00 -7.16 -15.34
CA VAL A 262 19.83 -5.73 -15.61
C VAL A 262 19.92 -4.94 -14.32
N VAL A 263 19.25 -5.43 -13.26
CA VAL A 263 19.30 -4.74 -11.98
C VAL A 263 20.72 -4.76 -11.41
N ALA A 264 21.39 -5.91 -11.51
CA ALA A 264 22.75 -6.05 -11.02
C ALA A 264 23.69 -5.12 -11.76
N LEU A 265 23.51 -4.97 -13.07
CA LEU A 265 24.31 -4.04 -13.84
C LEU A 265 24.07 -2.60 -13.41
N LEU A 266 22.80 -2.22 -13.29
CA LEU A 266 22.48 -0.84 -12.91
C LEU A 266 23.06 -0.50 -11.55
N PHE A 267 23.14 -1.49 -10.65
CA PHE A 267 23.61 -1.17 -9.30
C PHE A 267 25.13 -1.32 -9.17
N SER A 268 25.73 -2.33 -9.82
CA SER A 268 27.18 -2.50 -9.75
C SER A 268 27.90 -1.42 -10.54
N SER A 269 27.35 -1.02 -11.69
CA SER A 269 27.89 0.13 -12.40
C SER A 269 27.65 1.42 -11.66
N LEU A 270 26.82 1.38 -10.62
CA LEU A 270 26.53 2.58 -9.80
C LEU A 270 27.45 2.58 -8.57
N PHE A 271 27.62 1.42 -7.94
CA PHE A 271 28.47 1.30 -6.73
C PHE A 271 29.90 1.75 -7.07
N PRO A 272 30.58 2.50 -6.18
CA PRO A 272 30.15 2.68 -4.79
C PRO A 272 29.18 3.86 -4.64
N ASN A 273 29.06 4.67 -5.70
CA ASN A 273 28.13 5.84 -5.66
C ASN A 273 26.69 5.33 -5.58
N VAL A 274 25.78 6.15 -5.05
CA VAL A 274 24.34 5.77 -4.97
C VAL A 274 23.55 6.78 -5.81
N MET A 275 24.14 7.94 -6.07
CA MET A 275 23.46 9.00 -6.86
C MET A 275 24.51 9.88 -7.54
N PRO A 276 24.98 9.54 -8.76
CA PRO A 276 26.02 10.31 -9.44
C PRO A 276 25.57 11.76 -9.71
N THR A 277 26.40 12.74 -9.36
CA THR A 277 26.03 14.17 -9.56
C THR A 277 26.43 14.61 -10.97
N THR A 278 25.62 15.48 -11.59
CA THR A 278 25.96 16.03 -12.93
C THR A 278 26.57 17.43 -12.73
N LEU A 279 26.31 18.04 -11.58
CA LEU A 279 26.85 19.39 -11.28
C LEU A 279 28.27 19.24 -10.71
N ALA A 280 29.24 19.93 -11.33
CA ALA A 280 30.64 19.88 -10.82
C ALA A 280 30.68 20.42 -9.39
N ASP A 281 29.98 21.54 -9.15
CA ASP A 281 29.93 22.13 -7.78
C ASP A 281 29.22 21.15 -6.85
N GLY A 282 28.19 20.46 -7.35
CA GLY A 282 27.40 19.54 -6.52
C GLY A 282 28.20 18.30 -6.14
N VAL A 283 27.73 17.56 -5.13
CA VAL A 283 28.45 16.34 -4.66
C VAL A 283 27.60 15.10 -4.97
N SER A 284 28.21 14.07 -5.55
CA SER A 284 27.47 12.80 -5.84
C SER A 284 27.21 12.06 -4.53
N LEU A 285 26.15 11.25 -4.49
CA LEU A 285 25.81 10.49 -3.27
C LEU A 285 26.39 9.07 -3.37
N ASP A 286 27.07 8.60 -2.33
CA ASP A 286 27.61 7.25 -2.30
C ASP A 286 27.09 6.56 -1.05
N ILE A 287 27.58 5.36 -0.78
CA ILE A 287 27.07 4.54 0.31
C ILE A 287 27.57 5.03 1.66
N TRP A 288 28.32 6.15 1.67
CA TRP A 288 28.85 6.69 2.91
C TRP A 288 28.24 8.04 3.25
N ASN A 289 28.25 9.01 2.32
CA ASN A 289 27.64 10.30 2.62
C ASN A 289 26.12 10.21 2.61
N ALA A 290 25.58 9.19 1.93
CA ALA A 290 24.15 8.91 1.89
C ALA A 290 23.94 7.55 2.53
N SER A 291 23.79 7.54 3.85
CA SER A 291 23.70 6.29 4.59
C SER A 291 23.03 6.54 5.93
N ALA A 292 22.61 5.46 6.57
CA ALA A 292 22.11 5.52 7.93
C ALA A 292 23.25 5.28 8.92
N SER A 293 22.92 5.39 10.20
CA SER A 293 23.89 5.16 11.25
C SER A 293 24.28 3.69 11.30
N HIS A 294 25.36 3.40 12.03
CA HIS A 294 25.74 2.01 12.23
C HIS A 294 24.71 1.26 13.05
N TYR A 295 24.19 1.91 14.10
CA TYR A 295 23.19 1.27 14.95
C TYR A 295 21.92 0.96 14.16
N ALA A 296 21.46 1.94 13.36
CA ALA A 296 20.29 1.71 12.53
C ALA A 296 20.53 0.59 11.53
N LEU A 297 21.70 0.57 10.91
CA LEU A 297 22.03 -0.50 9.98
C LEU A 297 22.14 -1.84 10.71
N THR A 298 22.60 -1.84 11.96
CA THR A 298 22.66 -3.08 12.73
C THR A 298 21.27 -3.62 13.02
N ILE A 299 20.37 -2.76 13.50
CA ILE A 299 18.99 -3.17 13.77
C ILE A 299 18.33 -3.67 12.50
N LEU A 300 18.51 -2.94 11.40
CA LEU A 300 17.93 -3.34 10.12
C LEU A 300 18.50 -4.67 9.67
N THR A 301 19.81 -4.90 9.86
CA THR A 301 20.42 -6.15 9.44
C THR A 301 19.85 -7.32 10.22
N TRP A 302 19.69 -7.15 11.53
CA TRP A 302 19.10 -8.20 12.37
C TRP A 302 17.68 -8.52 11.91
N THR A 303 16.83 -7.49 11.81
CA THR A 303 15.43 -7.72 11.45
C THR A 303 15.32 -8.31 10.05
N ALA A 304 16.09 -7.78 9.10
CA ALA A 304 16.01 -8.26 7.73
C ALA A 304 16.47 -9.71 7.62
N ALA A 305 17.62 -10.03 8.22
CA ALA A 305 18.12 -11.39 8.20
C ALA A 305 17.15 -12.37 8.85
N VAL A 306 16.47 -11.98 9.92
CA VAL A 306 15.49 -12.84 10.58
C VAL A 306 14.23 -13.01 9.73
N ILE A 307 13.72 -11.92 9.14
CA ILE A 307 12.36 -11.94 8.61
C ILE A 307 12.34 -12.24 7.11
N ALA A 308 13.18 -11.58 6.32
CA ALA A 308 13.13 -11.72 4.86
C ALA A 308 13.20 -13.17 4.38
N PRO A 309 14.05 -14.05 4.92
CA PRO A 309 14.00 -15.45 4.48
C PRO A 309 12.63 -16.10 4.70
N LEU A 310 11.98 -15.81 5.82
CA LEU A 310 10.65 -16.37 6.07
C LEU A 310 9.64 -15.82 5.08
N VAL A 311 9.74 -14.52 4.76
CA VAL A 311 8.86 -13.92 3.76
C VAL A 311 9.03 -14.62 2.43
N VAL A 312 10.29 -14.83 2.01
CA VAL A 312 10.55 -15.53 0.75
C VAL A 312 10.01 -16.95 0.81
N LEU A 313 10.15 -17.62 1.96
CA LEU A 313 9.65 -18.99 2.09
C LEU A 313 8.15 -19.06 1.91
N TYR A 314 7.39 -18.25 2.63
CA TYR A 314 5.95 -18.41 2.51
C TYR A 314 5.40 -17.81 1.21
N GLN A 315 6.05 -16.78 0.66
CA GLN A 315 5.65 -16.32 -0.66
C GLN A 315 5.91 -17.38 -1.72
N GLY A 316 7.04 -18.08 -1.64
CA GLY A 316 7.28 -19.18 -2.55
C GLY A 316 6.30 -20.32 -2.35
N TRP A 317 5.92 -20.58 -1.10
CA TRP A 317 4.91 -21.61 -0.85
C TRP A 317 3.58 -21.22 -1.47
N THR A 318 3.22 -19.94 -1.43
CA THR A 318 2.02 -19.48 -2.12
C THR A 318 2.13 -19.66 -3.63
N TYR A 319 3.26 -19.28 -4.20
CA TYR A 319 3.47 -19.49 -5.63
C TYR A 319 3.42 -20.97 -5.98
N TRP A 320 3.76 -21.83 -5.02
CA TRP A 320 3.68 -23.27 -5.22
C TRP A 320 2.24 -23.75 -5.13
N VAL A 321 1.45 -23.17 -4.23
CA VAL A 321 0.03 -23.51 -4.12
C VAL A 321 -0.68 -23.16 -5.42
N PHE A 322 -0.36 -22.01 -6.01
CA PHE A 322 -0.97 -21.58 -7.26
C PHE A 322 -0.17 -22.02 -8.48
N ARG A 323 0.55 -23.13 -8.38
CA ARG A 323 1.40 -23.57 -9.47
C ARG A 323 0.62 -24.15 -10.65
N LYS A 324 -0.62 -24.56 -10.43
CA LYS A 324 -1.38 -25.24 -11.48
C LYS A 324 -1.66 -24.29 -12.64
N ARG A 325 -1.45 -24.80 -13.85
CA ARG A 325 -1.68 -24.00 -15.05
C ARG A 325 -3.18 -23.75 -15.24
N LEU A 326 -3.51 -22.53 -15.65
CA LEU A 326 -4.89 -22.16 -15.89
C LEU A 326 -5.30 -22.47 -17.32
N HIS A 327 -6.59 -22.73 -17.50
CA HIS A 327 -7.17 -23.02 -18.81
C HIS A 327 -8.21 -21.97 -19.13
N ALA A 328 -8.52 -21.87 -20.43
CA ALA A 328 -9.52 -20.93 -20.93
C ALA A 328 -10.74 -21.72 -21.41
N GLU A 329 -11.91 -21.36 -20.90
CA GLU A 329 -13.13 -21.95 -21.41
C GLU A 329 -13.42 -21.41 -22.81
N PRO A 330 -14.07 -22.19 -23.69
CA PRO A 330 -14.40 -21.79 -25.06
C PRO A 330 -15.12 -20.45 -25.14
N MET B 1 -0.41 30.50 -3.62
CA MET B 1 0.01 29.72 -2.47
C MET B 1 1.29 28.94 -2.80
N ASP B 2 2.20 28.86 -1.84
CA ASP B 2 3.51 28.30 -2.11
C ASP B 2 3.53 26.79 -1.94
N VAL B 3 4.68 26.19 -2.26
CA VAL B 3 4.79 24.74 -2.40
C VAL B 3 4.54 24.02 -1.07
N VAL B 4 4.86 24.66 0.06
CA VAL B 4 4.72 24.00 1.35
C VAL B 4 3.26 23.62 1.60
N ASP B 5 2.35 24.58 1.41
CA ASP B 5 0.95 24.33 1.73
C ASP B 5 0.30 23.42 0.69
N ILE B 6 0.73 23.49 -0.56
CA ILE B 6 0.22 22.56 -1.56
C ILE B 6 0.64 21.13 -1.21
N ALA B 7 1.87 20.96 -0.74
CA ALA B 7 2.34 19.63 -0.35
C ALA B 7 1.59 19.14 0.89
N ARG B 8 1.33 20.02 1.84
CA ARG B 8 0.51 19.66 3.00
C ARG B 8 -0.87 19.22 2.57
N TRP B 9 -1.49 19.96 1.64
CA TRP B 9 -2.81 19.59 1.15
C TRP B 9 -2.78 18.24 0.44
N GLN B 10 -1.75 18.00 -0.36
CA GLN B 10 -1.65 16.73 -1.07
C GLN B 10 -1.53 15.57 -0.11
N PHE B 11 -0.64 15.71 0.89
CA PHE B 11 -0.47 14.64 1.85
C PHE B 11 -1.75 14.38 2.60
N GLY B 12 -2.39 15.45 3.06
CA GLY B 12 -3.64 15.33 3.78
C GLY B 12 -4.75 14.67 2.99
N ILE B 13 -4.93 15.08 1.74
CA ILE B 13 -5.98 14.51 0.91
C ILE B 13 -5.71 13.03 0.66
N THR B 14 -4.49 12.71 0.24
CA THR B 14 -4.18 11.34 -0.13
C THR B 14 -4.32 10.39 1.06
N THR B 15 -3.87 10.81 2.24
CA THR B 15 -3.91 9.88 3.35
C THR B 15 -5.25 9.90 4.09
N VAL B 16 -6.02 10.98 3.97
CA VAL B 16 -7.41 10.93 4.41
C VAL B 16 -8.21 9.98 3.55
N TYR B 17 -7.97 10.00 2.23
CA TYR B 17 -8.57 8.98 1.36
C TYR B 17 -8.13 7.60 1.78
N HIS B 18 -6.86 7.44 2.16
CA HIS B 18 -6.36 6.13 2.56
C HIS B 18 -7.05 5.62 3.83
N PHE B 19 -7.22 6.47 4.83
CA PHE B 19 -7.86 6.04 6.06
C PHE B 19 -9.37 6.14 6.01
N ILE B 20 -9.95 6.55 4.87
CA ILE B 20 -11.34 6.20 4.62
C ILE B 20 -11.52 4.71 4.51
N PHE B 21 -10.54 4.00 3.96
CA PHE B 21 -10.70 2.60 3.64
C PHE B 21 -9.95 1.70 4.63
N VAL B 22 -8.93 2.23 5.30
CA VAL B 22 -8.17 1.42 6.25
C VAL B 22 -9.02 0.86 7.39
N PRO B 23 -9.82 1.66 8.11
CA PRO B 23 -10.51 1.10 9.29
C PRO B 23 -11.46 -0.04 8.98
N LEU B 24 -12.14 0.02 7.84
CA LEU B 24 -13.02 -1.06 7.47
C LEU B 24 -12.25 -2.36 7.30
N THR B 25 -11.06 -2.29 6.68
CA THR B 25 -10.20 -3.47 6.59
C THR B 25 -9.79 -3.95 7.97
N ILE B 26 -9.31 -3.04 8.82
CA ILE B 26 -8.78 -3.40 10.13
C ILE B 26 -9.85 -4.11 10.97
N GLY B 27 -11.09 -3.66 10.88
CA GLY B 27 -12.15 -4.27 11.63
C GLY B 27 -12.79 -5.49 10.97
N LEU B 28 -12.82 -5.50 9.64
CA LEU B 28 -13.66 -6.46 8.93
C LEU B 28 -12.90 -7.73 8.57
N ALA B 29 -11.57 -7.63 8.41
CA ALA B 29 -10.83 -8.87 8.20
C ALA B 29 -11.01 -9.77 9.42
N PRO B 30 -10.85 -9.26 10.65
CA PRO B 30 -11.17 -10.10 11.81
C PRO B 30 -12.61 -10.61 11.83
N LEU B 31 -13.59 -9.76 11.49
CA LEU B 31 -14.98 -10.20 11.53
C LEU B 31 -15.27 -11.28 10.49
N VAL B 32 -14.72 -11.11 9.29
CA VAL B 32 -14.90 -12.13 8.25
C VAL B 32 -14.24 -13.44 8.68
N ALA B 33 -13.05 -13.34 9.29
CA ALA B 33 -12.38 -14.54 9.79
C ALA B 33 -13.21 -15.22 10.88
N ILE B 34 -13.80 -14.42 11.77
CA ILE B 34 -14.65 -14.97 12.83
C ILE B 34 -15.87 -15.66 12.24
N MET B 35 -16.50 -15.02 11.26
CA MET B 35 -17.69 -15.62 10.63
C MET B 35 -17.34 -16.92 9.93
N GLN B 36 -16.18 -16.98 9.28
CA GLN B 36 -15.78 -18.21 8.60
C GLN B 36 -15.40 -19.29 9.61
N THR B 37 -14.79 -18.91 10.73
CA THR B 37 -14.52 -19.88 11.78
C THR B 37 -15.81 -20.44 12.33
N PHE B 38 -16.82 -19.58 12.52
CA PHE B 38 -18.13 -20.06 12.94
C PHE B 38 -18.69 -21.04 11.93
N TRP B 39 -18.61 -20.71 10.64
CA TRP B 39 -19.11 -21.63 9.63
C TRP B 39 -18.35 -22.96 9.67
N GLN B 40 -17.05 -22.91 9.97
CA GLN B 40 -16.25 -24.13 10.00
C GLN B 40 -16.62 -25.02 11.18
N VAL B 41 -16.74 -24.44 12.37
CA VAL B 41 -16.92 -25.24 13.57
C VAL B 41 -18.39 -25.60 13.77
N THR B 42 -19.30 -24.63 13.59
CA THR B 42 -20.72 -24.90 13.76
C THR B 42 -21.28 -25.64 12.56
N GLY B 43 -20.80 -25.33 11.36
CA GLY B 43 -21.29 -25.94 10.16
C GLY B 43 -22.54 -25.32 9.58
N LYS B 44 -23.12 -24.33 10.26
CA LYS B 44 -24.40 -23.78 9.84
C LYS B 44 -24.25 -22.95 8.57
N GLU B 45 -25.25 -23.04 7.69
CA GLU B 45 -25.17 -22.40 6.39
C GLU B 45 -25.18 -20.88 6.48
N HIS B 46 -25.92 -20.33 7.44
CA HIS B 46 -26.06 -18.88 7.52
C HIS B 46 -24.73 -18.23 7.82
N TRP B 47 -23.83 -18.94 8.49
CA TRP B 47 -22.48 -18.43 8.71
C TRP B 47 -21.70 -18.37 7.40
N TYR B 48 -21.88 -19.36 6.53
CA TYR B 48 -21.26 -19.31 5.21
C TYR B 48 -21.78 -18.14 4.40
N ARG B 49 -23.10 -17.89 4.46
CA ARG B 49 -23.67 -16.76 3.74
C ARG B 49 -23.12 -15.44 4.26
N ALA B 50 -23.01 -15.30 5.58
CA ALA B 50 -22.44 -14.10 6.16
C ALA B 50 -20.99 -13.93 5.75
N THR B 51 -20.24 -15.04 5.73
CA THR B 51 -18.85 -14.98 5.30
C THR B 51 -18.77 -14.44 3.88
N ARG B 52 -19.55 -14.98 2.96
CA ARG B 52 -19.49 -14.55 1.57
C ARG B 52 -19.86 -13.08 1.42
N PHE B 53 -20.93 -12.66 2.09
CA PHE B 53 -21.44 -11.29 1.95
C PHE B 53 -20.43 -10.27 2.46
N PHE B 54 -19.97 -10.46 3.69
CA PHE B 54 -19.08 -9.47 4.27
C PHE B 54 -17.66 -9.62 3.74
N GLY B 55 -17.32 -10.78 3.18
CA GLY B 55 -16.05 -10.91 2.50
C GLY B 55 -16.03 -10.22 1.16
N THR B 56 -17.18 -10.18 0.49
CA THR B 56 -17.31 -9.32 -0.68
C THR B 56 -17.00 -7.87 -0.34
N VAL B 57 -17.66 -7.37 0.71
CA VAL B 57 -17.40 -5.99 1.13
C VAL B 57 -15.93 -5.81 1.50
N LEU B 58 -15.36 -6.81 2.16
CA LEU B 58 -13.97 -6.75 2.60
C LEU B 58 -13.02 -6.66 1.41
N LEU B 59 -13.25 -7.46 0.37
CA LEU B 59 -12.35 -7.45 -0.77
C LEU B 59 -12.39 -6.12 -1.50
N ILE B 60 -13.60 -5.55 -1.67
CA ILE B 60 -13.70 -4.24 -2.29
C ILE B 60 -12.89 -3.20 -1.49
N ASN B 61 -13.09 -3.20 -0.17
CA ASN B 61 -12.40 -2.24 0.68
C ASN B 61 -10.88 -2.43 0.64
N PHE B 62 -10.45 -3.69 0.67
CA PHE B 62 -9.00 -4.02 0.69
C PHE B 62 -8.33 -3.49 -0.57
N ALA B 63 -9.04 -3.56 -1.71
CA ALA B 63 -8.48 -3.12 -3.00
C ALA B 63 -8.08 -1.64 -2.96
N VAL B 64 -9.04 -0.76 -2.63
CA VAL B 64 -8.77 0.71 -2.61
C VAL B 64 -7.79 1.05 -1.48
N GLY B 65 -7.74 0.23 -0.43
CA GLY B 65 -6.81 0.46 0.69
C GLY B 65 -5.36 0.30 0.28
N VAL B 66 -5.08 -0.57 -0.69
CA VAL B 66 -3.68 -0.86 -1.10
C VAL B 66 -3.13 0.31 -1.93
N ALA B 67 -3.91 0.87 -2.86
CA ALA B 67 -3.35 1.89 -3.77
C ALA B 67 -3.02 3.17 -3.03
N THR B 68 -3.98 3.67 -2.24
CA THR B 68 -3.72 4.84 -1.43
C THR B 68 -2.52 4.63 -0.52
N GLY B 69 -2.37 3.39 -0.02
CA GLY B 69 -1.19 3.09 0.77
C GLY B 69 0.10 3.30 0.00
N ILE B 70 0.14 2.78 -1.23
CA ILE B 70 1.35 2.86 -2.11
C ILE B 70 1.83 4.32 -2.21
N VAL B 71 0.95 5.24 -2.55
CA VAL B 71 1.32 6.67 -2.73
C VAL B 71 1.91 7.22 -1.44
N GLN B 72 1.29 6.92 -0.30
CA GLN B 72 1.75 7.51 1.00
C GLN B 72 3.24 7.20 1.21
N GLU B 73 3.65 5.94 0.99
CA GLU B 73 5.06 5.58 1.29
C GLU B 73 6.02 6.43 0.44
N PHE B 74 5.77 6.53 -0.87
CA PHE B 74 6.67 7.30 -1.76
C PHE B 74 6.49 8.81 -1.48
N GLN B 75 5.24 9.26 -1.36
CA GLN B 75 4.97 10.70 -1.12
C GLN B 75 5.94 11.22 -0.07
N PHE B 76 6.25 10.39 0.93
CA PHE B 76 7.20 10.78 1.97
C PHE B 76 8.45 11.44 1.39
N GLY B 77 9.15 10.73 0.49
CA GLY B 77 10.35 11.28 -0.08
C GLY B 77 10.12 12.19 -1.28
N MET B 78 9.00 11.99 -1.99
CA MET B 78 8.72 12.88 -3.12
C MET B 78 8.50 14.32 -2.66
N ASN B 79 7.76 14.51 -1.57
CA ASN B 79 7.32 15.86 -1.21
C ASN B 79 7.96 16.43 0.04
N TRP B 80 8.64 15.59 0.83
CA TRP B 80 9.15 15.99 2.15
C TRP B 80 10.59 15.52 2.31
N SER B 81 11.42 15.84 1.31
CA SER B 81 12.77 15.29 1.25
C SER B 81 13.61 15.67 2.46
N GLU B 82 13.52 16.94 2.89
CA GLU B 82 14.33 17.36 4.04
C GLU B 82 13.90 16.62 5.31
N TYR B 83 12.59 16.48 5.51
CA TYR B 83 12.08 15.55 6.51
C TYR B 83 12.59 14.14 6.28
N SER B 84 12.50 13.65 5.05
CA SER B 84 12.88 12.27 4.76
C SER B 84 14.38 12.05 5.01
N ARG B 85 15.14 13.15 5.12
CA ARG B 85 16.55 13.05 5.44
C ARG B 85 16.78 13.14 6.93
N PHE B 86 16.02 13.99 7.61
CA PHE B 86 16.25 14.22 9.03
C PHE B 86 15.88 13.02 9.87
N VAL B 87 14.92 12.22 9.42
CA VAL B 87 14.37 11.14 10.24
C VAL B 87 14.53 9.77 9.62
N GLY B 88 14.97 9.66 8.37
CA GLY B 88 15.01 8.36 7.72
C GLY B 88 15.87 7.36 8.44
N ASP B 89 16.84 7.84 9.22
CA ASP B 89 17.67 6.94 10.02
C ASP B 89 16.83 6.17 11.03
N VAL B 90 15.92 6.85 11.71
CA VAL B 90 15.15 6.30 12.81
C VAL B 90 13.70 6.05 12.41
N PHE B 91 13.14 6.90 11.56
CA PHE B 91 11.75 6.78 11.14
C PHE B 91 11.57 5.67 10.09
N GLY B 92 12.58 5.44 9.25
CA GLY B 92 12.42 4.51 8.16
C GLY B 92 12.41 3.06 8.58
N GLY B 93 12.93 2.77 9.77
CA GLY B 93 12.98 1.42 10.29
C GLY B 93 11.62 0.79 10.51
N PRO B 94 10.72 1.50 11.22
CA PRO B 94 9.35 0.99 11.34
C PRO B 94 8.65 0.80 10.00
N LEU B 95 8.87 1.69 9.04
CA LEU B 95 8.28 1.53 7.71
C LEU B 95 8.80 0.27 7.02
N ALA B 96 10.11 0.05 7.12
CA ALA B 96 10.70 -1.15 6.54
C ALA B 96 10.13 -2.42 7.20
N LEU B 97 10.02 -2.42 8.53
CA LEU B 97 9.47 -3.58 9.23
C LEU B 97 8.01 -3.81 8.88
N GLU B 98 7.23 -2.73 8.79
CA GLU B 98 5.84 -2.88 8.36
C GLU B 98 5.75 -3.53 7.00
N GLY B 99 6.46 -3.00 6.01
CA GLY B 99 6.41 -3.60 4.69
C GLY B 99 6.88 -5.05 4.70
N LEU B 100 7.93 -5.33 5.45
CA LEU B 100 8.55 -6.65 5.39
C LEU B 100 7.69 -7.71 6.07
N ILE B 101 7.04 -7.37 7.17
CA ILE B 101 6.25 -8.36 7.90
C ILE B 101 4.78 -8.25 7.50
N ALA B 102 4.15 -7.11 7.84
CA ALA B 102 2.71 -7.04 7.82
C ALA B 102 2.15 -6.97 6.40
N PHE B 103 2.76 -6.14 5.55
CA PHE B 103 2.26 -6.01 4.19
C PHE B 103 2.44 -7.31 3.42
N PHE B 104 3.59 -7.96 3.58
CA PHE B 104 3.78 -9.23 2.91
C PHE B 104 2.79 -10.28 3.41
N LEU B 105 2.58 -10.36 4.72
CA LEU B 105 1.64 -11.35 5.25
C LEU B 105 0.24 -11.09 4.74
N GLU B 106 -0.25 -9.86 4.85
CA GLU B 106 -1.62 -9.58 4.46
C GLU B 106 -1.82 -9.75 2.97
N SER B 107 -0.88 -9.29 2.14
CA SER B 107 -1.03 -9.42 0.70
C SER B 107 -0.98 -10.88 0.25
N VAL B 108 0.00 -11.65 0.74
CA VAL B 108 0.15 -13.03 0.32
C VAL B 108 -1.04 -13.86 0.77
N PHE B 109 -1.42 -13.71 2.04
CA PHE B 109 -2.48 -14.58 2.56
C PHE B 109 -3.85 -14.11 2.13
N LEU B 110 -4.01 -12.85 1.75
CA LEU B 110 -5.29 -12.43 1.17
C LEU B 110 -5.41 -12.91 -0.27
N GLY B 111 -4.28 -12.98 -0.99
CA GLY B 111 -4.30 -13.68 -2.26
C GLY B 111 -4.72 -15.13 -2.10
N LEU B 112 -4.17 -15.82 -1.11
CA LEU B 112 -4.61 -17.19 -0.82
C LEU B 112 -6.09 -17.25 -0.51
N TRP B 113 -6.58 -16.33 0.32
CA TRP B 113 -7.99 -16.36 0.68
C TRP B 113 -8.88 -16.14 -0.54
N ILE B 114 -8.54 -15.17 -1.39
CA ILE B 114 -9.39 -14.90 -2.55
C ILE B 114 -9.37 -16.07 -3.52
N PHE B 115 -8.21 -16.68 -3.74
CA PHE B 115 -8.08 -17.63 -4.84
C PHE B 115 -7.91 -19.08 -4.40
N GLY B 116 -7.27 -19.33 -3.26
CA GLY B 116 -7.06 -20.69 -2.82
C GLY B 116 -8.10 -21.27 -1.88
N TRP B 117 -9.32 -21.53 -2.37
CA TRP B 117 -10.34 -22.12 -1.50
C TRP B 117 -10.21 -23.64 -1.46
N GLY B 118 -10.32 -24.29 -2.62
CA GLY B 118 -10.20 -25.73 -2.65
C GLY B 118 -8.77 -26.22 -2.74
N LYS B 119 -7.84 -25.31 -3.07
CA LYS B 119 -6.45 -25.72 -3.26
C LYS B 119 -5.77 -25.99 -1.93
N ILE B 120 -6.33 -25.47 -0.83
CA ILE B 120 -5.81 -25.72 0.50
C ILE B 120 -6.93 -26.26 1.39
N PRO B 121 -6.61 -26.95 2.49
CA PRO B 121 -7.65 -27.35 3.43
C PRO B 121 -8.37 -26.15 4.03
N GLY B 122 -9.66 -26.35 4.31
CA GLY B 122 -10.50 -25.23 4.74
C GLY B 122 -10.03 -24.59 6.02
N TRP B 123 -9.47 -25.37 6.94
CA TRP B 123 -8.88 -24.80 8.15
C TRP B 123 -7.73 -23.87 7.78
N LEU B 124 -6.98 -24.21 6.73
CA LEU B 124 -5.90 -23.35 6.28
C LEU B 124 -6.44 -22.10 5.59
N HIS B 125 -7.59 -22.20 4.94
CA HIS B 125 -8.26 -21.01 4.39
C HIS B 125 -8.66 -20.05 5.51
N THR B 126 -9.25 -20.59 6.59
CA THR B 126 -9.58 -19.76 7.73
C THR B 126 -8.32 -19.21 8.38
N ALA B 127 -7.24 -19.99 8.39
CA ALA B 127 -5.97 -19.49 8.89
C ALA B 127 -5.46 -18.34 8.03
N SER B 128 -5.65 -18.41 6.72
CA SER B 128 -5.22 -17.32 5.84
C SER B 128 -5.97 -16.03 6.15
N ILE B 129 -7.29 -16.11 6.32
CA ILE B 129 -8.02 -14.89 6.62
C ILE B 129 -7.66 -14.37 8.02
N TRP B 130 -7.39 -15.28 8.97
CA TRP B 130 -6.95 -14.87 10.29
C TRP B 130 -5.58 -14.19 10.23
N ILE B 131 -4.68 -14.70 9.41
CA ILE B 131 -3.37 -14.08 9.23
C ILE B 131 -3.51 -12.71 8.62
N VAL B 132 -4.43 -12.55 7.66
CA VAL B 132 -4.66 -11.23 7.08
C VAL B 132 -5.13 -10.25 8.14
N ALA B 133 -6.06 -10.69 9.00
CA ALA B 133 -6.52 -9.83 10.09
C ALA B 133 -5.37 -9.42 11.01
N ILE B 134 -4.58 -10.39 11.46
CA ILE B 134 -3.46 -10.11 12.36
C ILE B 134 -2.45 -9.20 11.68
N ALA B 135 -2.20 -9.41 10.39
CA ALA B 135 -1.22 -8.61 9.66
C ALA B 135 -1.69 -7.17 9.50
N THR B 136 -2.99 -6.96 9.28
CA THR B 136 -3.51 -5.60 9.24
C THR B 136 -3.28 -4.92 10.59
N ASN B 137 -3.51 -5.64 11.68
CA ASN B 137 -3.23 -5.06 13.00
C ASN B 137 -1.74 -4.74 13.17
N ILE B 138 -0.86 -5.63 12.73
CA ILE B 138 0.58 -5.40 12.86
C ILE B 138 1.02 -4.19 12.07
N SER B 139 0.49 -4.03 10.85
CA SER B 139 0.79 -2.86 10.04
C SER B 139 0.32 -1.59 10.73
N ALA B 140 -0.88 -1.64 11.32
CA ALA B 140 -1.33 -0.51 12.14
C ALA B 140 -0.29 -0.17 13.19
N TYR B 141 0.24 -1.19 13.87
CA TYR B 141 1.21 -0.95 14.95
C TYR B 141 2.48 -0.28 14.44
N PHE B 142 3.05 -0.77 13.35
CA PHE B 142 4.32 -0.23 12.89
C PHE B 142 4.17 1.19 12.32
N ILE B 143 3.12 1.42 11.53
CA ILE B 143 2.83 2.77 11.07
C ILE B 143 2.63 3.72 12.24
N ILE B 144 1.94 3.27 13.28
CA ILE B 144 1.68 4.14 14.41
C ILE B 144 2.96 4.39 15.21
N VAL B 145 3.88 3.43 15.23
CA VAL B 145 5.18 3.67 15.84
C VAL B 145 5.91 4.79 15.10
N ALA B 146 5.89 4.75 13.77
CA ALA B 146 6.54 5.81 13.00
C ALA B 146 5.89 7.17 13.25
N ASN B 147 4.55 7.24 13.18
CA ASN B 147 3.88 8.51 13.41
C ASN B 147 4.05 8.98 14.85
N SER B 148 4.22 8.05 15.79
CA SER B 148 4.40 8.44 17.19
C SER B 148 5.80 8.94 17.44
N PHE B 149 6.79 8.44 16.69
CA PHE B 149 8.08 9.10 16.72
C PHE B 149 7.94 10.52 16.21
N MET B 150 7.14 10.73 15.17
CA MET B 150 6.87 12.10 14.74
C MET B 150 6.24 12.91 15.85
N GLN B 151 5.30 12.32 16.59
CA GLN B 151 4.60 13.05 17.65
C GLN B 151 5.45 13.16 18.91
N HIS B 152 6.19 12.11 19.25
CA HIS B 152 6.93 12.05 20.51
C HIS B 152 8.23 11.32 20.25
N PRO B 153 9.27 12.04 19.84
CA PRO B 153 10.51 11.39 19.39
C PRO B 153 11.28 10.81 20.56
N VAL B 154 11.54 9.50 20.49
CA VAL B 154 12.31 8.79 21.51
C VAL B 154 13.24 7.80 20.80
N GLY B 155 14.27 7.39 21.51
CA GLY B 155 15.23 6.46 20.96
C GLY B 155 16.10 7.03 19.87
N ALA B 156 16.26 8.35 19.84
CA ALA B 156 17.03 9.00 18.79
C ALA B 156 17.96 10.04 19.42
N GLU B 157 19.12 10.22 18.79
CA GLU B 157 20.07 11.23 19.21
C GLU B 157 20.49 12.05 18.00
N TYR B 158 20.59 13.36 18.19
CA TYR B 158 21.00 14.23 17.09
C TYR B 158 22.50 14.09 16.82
N ASN B 159 22.86 14.06 15.55
CA ASN B 159 24.24 13.99 15.14
C ASN B 159 24.60 15.27 14.41
N PRO B 160 25.32 16.20 15.03
CA PRO B 160 25.64 17.46 14.34
C PRO B 160 26.44 17.28 13.07
N GLU B 161 27.25 16.22 13.00
CA GLU B 161 28.05 15.99 11.79
C GLU B 161 27.17 15.77 10.57
N THR B 162 26.18 14.88 10.69
CA THR B 162 25.23 14.67 9.60
C THR B 162 24.05 15.61 9.68
N GLY B 163 23.88 16.34 10.77
CA GLY B 163 22.73 17.22 10.91
C GLY B 163 21.42 16.46 10.86
N ARG B 164 21.33 15.36 11.59
CA ARG B 164 20.24 14.41 11.40
C ARG B 164 20.04 13.61 12.67
N ALA B 165 18.78 13.38 13.03
CA ALA B 165 18.47 12.51 14.16
C ALA B 165 18.74 11.06 13.79
N GLU B 166 19.44 10.34 14.67
CA GLU B 166 19.91 9.00 14.38
C GLU B 166 19.45 8.01 15.44
N LEU B 167 19.17 6.78 15.00
CA LEU B 167 18.67 5.76 15.89
C LEU B 167 19.73 5.33 16.88
N THR B 168 19.35 5.24 18.16
CA THR B 168 20.25 4.84 19.22
C THR B 168 19.63 3.85 20.20
N ASP B 169 18.31 3.65 20.15
CA ASP B 169 17.64 2.69 21.01
C ASP B 169 16.40 2.19 20.29
N PHE B 170 16.49 1.00 19.70
CA PHE B 170 15.38 0.44 18.94
C PHE B 170 14.19 0.13 19.85
N TRP B 171 14.45 -0.39 21.04
CA TRP B 171 13.37 -0.78 21.95
C TRP B 171 12.58 0.43 22.39
N ALA B 172 13.25 1.55 22.64
CA ALA B 172 12.55 2.77 23.04
C ALA B 172 11.65 3.26 21.92
N LEU B 173 12.09 3.11 20.67
CA LEU B 173 11.25 3.50 19.54
C LEU B 173 10.03 2.59 19.43
N LEU B 174 10.24 1.27 19.47
CA LEU B 174 9.12 0.34 19.31
C LEU B 174 8.11 0.47 20.44
N THR B 175 8.59 0.60 21.68
CA THR B 175 7.71 0.67 22.84
C THR B 175 7.48 2.10 23.29
N ASN B 176 7.48 3.05 22.35
CA ASN B 176 7.12 4.42 22.68
C ASN B 176 5.72 4.44 23.25
N SER B 177 5.55 5.17 24.35
CA SER B 177 4.25 5.22 25.02
C SER B 177 3.18 5.74 24.08
N THR B 178 3.52 6.72 23.25
CA THR B 178 2.55 7.25 22.29
C THR B 178 2.12 6.17 21.30
N ALA B 179 3.06 5.36 20.83
CA ALA B 179 2.70 4.27 19.93
C ALA B 179 1.88 3.20 20.63
N LEU B 180 2.31 2.80 21.83
CA LEU B 180 1.61 1.75 22.56
C LEU B 180 0.22 2.18 23.00
N ALA B 181 -0.05 3.48 23.04
CA ALA B 181 -1.39 3.97 23.32
C ALA B 181 -2.22 4.17 22.06
N ALA B 182 -1.60 4.68 20.99
CA ALA B 182 -2.35 5.01 19.78
C ALA B 182 -2.70 3.77 18.97
N PHE B 183 -1.89 2.72 19.08
CA PHE B 183 -2.17 1.50 18.32
C PHE B 183 -3.47 0.83 18.74
N PRO B 184 -3.70 0.52 20.03
CA PRO B 184 -4.98 -0.12 20.38
C PRO B 184 -6.18 0.73 20.03
N HIS B 185 -6.01 2.05 20.04
CA HIS B 185 -7.11 2.94 19.74
C HIS B 185 -7.48 2.92 18.27
N ALA B 186 -6.48 2.88 17.39
CA ALA B 186 -6.76 2.73 15.97
C ALA B 186 -7.36 1.36 15.68
N VAL B 187 -6.92 0.33 16.40
CA VAL B 187 -7.52 -1.00 16.21
C VAL B 187 -8.99 -0.97 16.61
N ALA B 188 -9.30 -0.34 17.74
CA ALA B 188 -10.70 -0.25 18.17
C ALA B 188 -11.50 0.64 17.23
N GLY B 189 -10.85 1.63 16.61
CA GLY B 189 -11.53 2.43 15.60
C GLY B 189 -11.90 1.63 14.37
N GLY B 190 -10.98 0.82 13.88
CA GLY B 190 -11.30 -0.07 12.78
C GLY B 190 -12.40 -1.04 13.13
N PHE B 191 -12.36 -1.58 14.35
CA PHE B 191 -13.39 -2.51 14.77
C PHE B 191 -14.75 -1.82 14.90
N LEU B 192 -14.76 -0.57 15.37
CA LEU B 192 -16.02 0.17 15.42
C LEU B 192 -16.58 0.37 14.03
N THR B 193 -15.72 0.73 13.08
CA THR B 193 -16.16 0.91 11.70
C THR B 193 -16.80 -0.36 11.17
N ALA B 194 -16.10 -1.49 11.28
CA ALA B 194 -16.62 -2.73 10.71
C ALA B 194 -17.86 -3.22 11.44
N GLY B 195 -17.89 -3.08 12.77
CA GLY B 195 -19.04 -3.52 13.52
C GLY B 195 -20.27 -2.68 13.21
N THR B 196 -20.11 -1.37 13.11
CA THR B 196 -21.23 -0.51 12.73
C THR B 196 -21.72 -0.87 11.34
N PHE B 197 -20.80 -1.13 10.40
CA PHE B 197 -21.21 -1.51 9.06
C PHE B 197 -22.02 -2.80 9.07
N VAL B 198 -21.52 -3.82 9.77
CA VAL B 198 -22.19 -5.12 9.80
C VAL B 198 -23.55 -4.99 10.44
N LEU B 199 -23.63 -4.27 11.57
CA LEU B 199 -24.89 -4.09 12.27
C LEU B 199 -25.91 -3.37 11.41
N GLY B 200 -25.49 -2.27 10.77
CA GLY B 200 -26.43 -1.52 9.95
C GLY B 200 -26.94 -2.32 8.77
N ILE B 201 -26.04 -2.99 8.05
CA ILE B 201 -26.46 -3.77 6.89
C ILE B 201 -27.39 -4.90 7.32
N SER B 202 -27.06 -5.55 8.44
CA SER B 202 -27.85 -6.70 8.86
C SER B 202 -29.23 -6.29 9.35
N GLY B 203 -29.33 -5.15 10.04
CA GLY B 203 -30.65 -4.67 10.44
C GLY B 203 -31.50 -4.24 9.25
N TRP B 204 -30.89 -3.50 8.32
CA TRP B 204 -31.56 -3.14 7.09
C TRP B 204 -32.10 -4.37 6.37
N TRP B 205 -31.29 -5.42 6.30
CA TRP B 205 -31.71 -6.62 5.58
C TRP B 205 -32.72 -7.44 6.37
N ILE B 206 -32.68 -7.41 7.70
CA ILE B 206 -33.72 -8.07 8.47
C ILE B 206 -35.07 -7.46 8.16
N ILE B 207 -35.15 -6.13 8.21
CA ILE B 207 -36.40 -5.45 7.88
C ILE B 207 -36.81 -5.75 6.45
N ARG B 208 -35.86 -5.66 5.52
CA ARG B 208 -36.16 -5.84 4.11
C ARG B 208 -36.66 -7.25 3.83
N ALA B 209 -36.06 -8.25 4.47
CA ALA B 209 -36.48 -9.62 4.27
C ALA B 209 -37.84 -9.88 4.89
N HIS B 210 -38.12 -9.28 6.05
CA HIS B 210 -39.43 -9.43 6.64
C HIS B 210 -40.51 -8.84 5.73
N ARG B 211 -40.22 -7.71 5.10
CA ARG B 211 -41.18 -7.13 4.16
C ARG B 211 -41.40 -8.03 2.95
N GLN B 212 -40.32 -8.58 2.39
CA GLN B 212 -40.43 -9.39 1.18
C GLN B 212 -41.05 -10.75 1.44
N SER B 222 -34.50 -18.96 6.31
CA SER B 222 -33.48 -19.84 5.75
C SER B 222 -32.53 -19.05 4.87
N LYS B 223 -33.04 -18.60 3.73
CA LYS B 223 -32.24 -17.88 2.75
C LYS B 223 -31.73 -16.56 3.34
N HIS B 224 -32.55 -15.88 4.13
CA HIS B 224 -32.15 -14.65 4.81
C HIS B 224 -31.86 -14.87 6.28
N SER B 225 -31.71 -16.12 6.72
CA SER B 225 -31.49 -16.42 8.13
C SER B 225 -30.14 -15.95 8.64
N MET B 226 -29.21 -15.63 7.74
CA MET B 226 -27.87 -15.16 8.08
C MET B 226 -27.84 -13.75 8.68
N HIS B 227 -28.93 -12.99 8.60
CA HIS B 227 -28.87 -11.58 8.97
C HIS B 227 -28.84 -11.41 10.49
N ARG B 228 -29.65 -12.19 11.21
CA ARG B 228 -29.70 -12.04 12.67
C ARG B 228 -28.41 -12.46 13.35
N PRO B 229 -27.81 -13.62 13.07
CA PRO B 229 -26.48 -13.92 13.65
C PRO B 229 -25.41 -12.91 13.26
N ALA B 230 -25.40 -12.47 12.00
CA ALA B 230 -24.46 -11.45 11.59
C ALA B 230 -24.74 -10.13 12.29
N LEU B 231 -26.02 -9.83 12.52
CA LEU B 231 -26.37 -8.63 13.27
C LEU B 231 -25.81 -8.70 14.68
N TRP B 232 -25.84 -9.87 15.30
CA TRP B 232 -25.34 -9.97 16.66
C TRP B 232 -23.82 -9.96 16.71
N VAL B 233 -23.16 -10.50 15.68
CA VAL B 233 -21.72 -10.35 15.55
C VAL B 233 -21.35 -8.88 15.48
N GLY B 234 -22.06 -8.13 14.62
CA GLY B 234 -21.80 -6.70 14.51
C GLY B 234 -22.12 -5.94 15.77
N TRP B 235 -23.18 -6.35 16.48
CA TRP B 235 -23.56 -5.71 17.73
C TRP B 235 -22.47 -5.88 18.79
N TRP B 236 -22.01 -7.12 18.97
CA TRP B 236 -20.94 -7.37 19.93
C TRP B 236 -19.67 -6.63 19.56
N THR B 237 -19.32 -6.63 18.27
CA THR B 237 -18.14 -5.91 17.82
C THR B 237 -18.26 -4.42 18.10
N THR B 238 -19.43 -3.84 17.80
CA THR B 238 -19.63 -2.41 18.02
C THR B 238 -19.52 -2.04 19.49
N VAL B 239 -20.15 -2.83 20.36
CA VAL B 239 -20.14 -2.52 21.80
C VAL B 239 -18.73 -2.65 22.36
N VAL B 240 -18.07 -3.77 22.06
CA VAL B 240 -16.73 -4.01 22.59
C VAL B 240 -15.76 -2.96 22.08
N SER B 241 -15.87 -2.61 20.79
CA SER B 241 -14.97 -1.62 20.22
C SER B 241 -15.24 -0.22 20.79
N SER B 242 -16.50 0.09 21.11
CA SER B 242 -16.79 1.37 21.75
C SER B 242 -16.15 1.45 23.13
N VAL B 243 -16.25 0.38 23.91
CA VAL B 243 -15.62 0.38 25.24
C VAL B 243 -14.10 0.50 25.10
N ALA B 244 -13.52 -0.28 24.20
CA ALA B 244 -12.08 -0.22 23.98
C ALA B 244 -11.66 1.18 23.53
N LEU B 245 -12.47 1.81 22.68
CA LEU B 245 -12.17 3.16 22.24
C LEU B 245 -12.18 4.14 23.40
N PHE B 246 -13.17 4.02 24.28
CA PHE B 246 -13.21 4.92 25.43
C PHE B 246 -11.94 4.78 26.27
N ILE B 247 -11.56 3.54 26.58
CA ILE B 247 -10.41 3.31 27.43
C ILE B 247 -9.12 3.82 26.77
N THR B 248 -8.90 3.43 25.52
CA THR B 248 -7.66 3.79 24.85
C THR B 248 -7.57 5.30 24.59
N GLY B 249 -8.70 5.92 24.27
CA GLY B 249 -8.70 7.36 24.10
C GLY B 249 -8.44 8.11 25.39
N ASP B 250 -8.92 7.57 26.50
CA ASP B 250 -8.57 8.15 27.80
C ASP B 250 -7.06 8.07 28.05
N THR B 251 -6.47 6.90 27.78
CA THR B 251 -5.02 6.76 27.92
C THR B 251 -4.28 7.77 27.05
N GLN B 252 -4.73 7.93 25.81
CA GLN B 252 -4.06 8.86 24.91
C GLN B 252 -4.26 10.31 25.34
N ALA B 253 -5.40 10.63 25.97
CA ALA B 253 -5.60 11.96 26.51
C ALA B 253 -4.59 12.25 27.61
N LYS B 254 -4.37 11.27 28.50
CA LYS B 254 -3.34 11.44 29.52
C LYS B 254 -1.97 11.64 28.91
N LEU B 255 -1.64 10.85 27.88
CA LEU B 255 -0.34 11.02 27.22
C LEU B 255 -0.21 12.40 26.58
N MET B 256 -1.24 12.81 25.84
CA MET B 256 -1.22 14.09 25.13
C MET B 256 -1.11 15.26 26.09
N PHE B 257 -1.59 15.08 27.33
CA PHE B 257 -1.44 16.12 28.33
C PHE B 257 0.03 16.48 28.54
N VAL B 258 0.90 15.48 28.59
CA VAL B 258 2.31 15.67 28.91
C VAL B 258 3.14 15.90 27.66
N GLN B 259 2.97 15.05 26.65
CA GLN B 259 3.84 15.11 25.48
C GLN B 259 3.56 16.35 24.63
N GLN B 260 2.29 16.61 24.34
CA GLN B 260 1.89 17.66 23.40
C GLN B 260 0.84 18.54 24.04
N PRO B 261 1.25 19.45 24.92
CA PRO B 261 0.27 20.35 25.55
C PRO B 261 -0.44 21.26 24.57
N MET B 262 0.17 21.52 23.41
CA MET B 262 -0.44 22.44 22.45
C MET B 262 -1.65 21.82 21.78
N LYS B 263 -1.66 20.49 21.61
CA LYS B 263 -2.82 19.82 21.04
C LYS B 263 -4.06 19.99 21.90
N MET B 264 -3.96 19.66 23.19
CA MET B 264 -5.13 19.70 24.06
C MET B 264 -5.56 21.13 24.32
N ALA B 265 -4.60 22.05 24.43
CA ALA B 265 -4.95 23.46 24.59
C ALA B 265 -5.77 23.94 23.40
N SER B 266 -5.63 23.28 22.25
CA SER B 266 -6.42 23.59 21.07
C SER B 266 -7.70 22.77 20.98
N ALA B 267 -7.91 21.81 21.87
CA ALA B 267 -9.12 21.01 21.86
C ALA B 267 -10.07 21.44 22.97
N GLY B 318 -2.69 27.07 28.80
CA GLY B 318 -3.37 27.86 27.79
C GLY B 318 -2.58 27.98 26.50
N VAL B 319 -3.28 28.33 25.42
CA VAL B 319 -2.62 28.41 24.11
C VAL B 319 -1.64 29.59 24.08
N ASN B 320 -2.00 30.70 24.75
CA ASN B 320 -1.13 31.88 24.72
C ASN B 320 0.18 31.63 25.46
N GLN B 321 0.10 31.03 26.66
CA GLN B 321 1.30 30.74 27.42
C GLN B 321 2.21 29.77 26.68
N LEU B 322 1.62 28.72 26.09
CA LEU B 322 2.41 27.74 25.38
C LEU B 322 3.05 28.34 24.13
N GLN B 323 2.31 29.20 23.42
CA GLN B 323 2.87 29.92 22.28
C GLN B 323 4.04 30.78 22.71
N ALA B 324 3.89 31.50 23.83
CA ALA B 324 4.98 32.33 24.33
C ALA B 324 6.21 31.48 24.63
N ALA B 325 6.03 30.41 25.41
CA ALA B 325 7.16 29.52 25.73
C ALA B 325 7.79 28.96 24.45
N ALA B 326 6.95 28.56 23.47
CA ALA B 326 7.48 27.95 22.23
C ALA B 326 8.36 28.94 21.48
N GLU B 327 7.88 30.18 21.30
CA GLU B 327 8.65 31.18 20.51
C GLU B 327 9.91 31.59 21.29
N GLN B 328 9.88 31.46 22.62
CA GLN B 328 11.04 31.87 23.45
C GLN B 328 11.97 30.68 23.68
N ALA B 329 11.67 29.54 23.03
CA ALA B 329 12.52 28.33 23.18
C ALA B 329 13.02 27.88 21.81
N TYR B 330 12.20 28.07 20.76
CA TYR B 330 12.59 27.64 19.42
C TYR B 330 12.76 28.81 18.45
N GLY B 331 12.78 30.04 18.94
CA GLY B 331 12.92 31.19 18.08
C GLY B 331 11.58 31.79 17.71
N PRO B 332 11.61 32.94 17.02
CA PRO B 332 10.36 33.61 16.64
C PRO B 332 9.57 32.79 15.63
N GLY B 333 8.26 32.99 15.64
CA GLY B 333 7.39 32.34 14.68
C GLY B 333 6.14 31.73 15.30
N ASN B 334 5.12 31.51 14.47
CA ASN B 334 3.91 30.83 14.92
C ASN B 334 4.23 29.39 15.30
N TYR B 335 3.73 28.97 16.46
CA TYR B 335 3.94 27.61 16.95
C TYR B 335 2.66 27.05 17.52
N SER B 336 1.54 27.27 16.82
CA SER B 336 0.24 26.76 17.23
C SER B 336 -0.48 26.15 16.03
N PRO B 337 -1.37 25.18 16.26
CA PRO B 337 -2.12 24.59 15.15
C PRO B 337 -3.34 25.40 14.78
N ASN B 338 -4.15 24.88 13.86
CA ASN B 338 -5.41 25.50 13.48
C ASN B 338 -6.43 25.20 14.57
N LEU B 339 -6.82 26.23 15.32
CA LEU B 339 -7.68 26.03 16.48
C LEU B 339 -9.03 25.45 16.08
N PHE B 340 -9.62 25.99 15.01
CA PHE B 340 -10.94 25.57 14.54
C PHE B 340 -10.94 24.11 14.13
N VAL B 341 -10.00 23.74 13.26
CA VAL B 341 -9.94 22.38 12.74
C VAL B 341 -9.69 21.39 13.87
N THR B 342 -8.76 21.74 14.76
CA THR B 342 -8.47 20.87 15.90
C THR B 342 -9.71 20.65 16.77
N TYR B 343 -10.34 21.75 17.16
CA TYR B 343 -11.54 21.68 18.01
C TYR B 343 -12.60 20.80 17.38
N TRP B 344 -12.94 21.08 16.11
CA TRP B 344 -14.08 20.39 15.52
C TRP B 344 -13.74 18.96 15.13
N SER B 345 -12.48 18.68 14.79
CA SER B 345 -12.09 17.29 14.56
C SER B 345 -12.23 16.47 15.83
N PHE B 346 -11.74 17.00 16.95
CA PHE B 346 -11.80 16.24 18.23
C PHE B 346 -13.26 15.96 18.56
N ARG B 347 -14.12 16.99 18.50
CA ARG B 347 -15.55 16.82 18.83
C ARG B 347 -16.18 15.83 17.84
N ALA B 348 -15.81 15.92 16.56
CA ALA B 348 -16.36 15.00 15.53
C ALA B 348 -15.90 13.58 15.85
N MET B 349 -14.65 13.42 16.29
CA MET B 349 -14.11 12.08 16.64
C MET B 349 -14.99 11.48 17.74
N ILE B 350 -15.73 12.32 18.47
CA ILE B 350 -16.56 11.83 19.61
C ILE B 350 -18.02 11.67 19.17
N GLY B 351 -18.62 12.70 18.57
CA GLY B 351 -20.03 12.62 18.24
C GLY B 351 -20.37 11.47 17.32
N LEU B 352 -19.47 11.13 16.41
CA LEU B 352 -19.75 10.05 15.48
C LEU B 352 -19.75 8.70 16.19
N MET B 353 -18.91 8.55 17.22
CA MET B 353 -19.02 7.40 18.10
C MET B 353 -20.37 7.38 18.79
N LEU B 354 -20.82 8.55 19.24
CA LEU B 354 -22.16 8.62 19.82
C LEU B 354 -23.21 8.08 18.86
N GLY B 355 -23.07 8.41 17.58
CA GLY B 355 -24.01 7.89 16.58
C GLY B 355 -23.97 6.38 16.44
N SER B 356 -22.77 5.81 16.41
CA SER B 356 -22.65 4.34 16.34
C SER B 356 -23.28 3.68 17.56
N LEU B 357 -23.04 4.24 18.74
CA LEU B 357 -23.65 3.70 19.95
C LEU B 357 -25.17 3.80 19.91
N ALA B 358 -25.69 4.90 19.38
CA ALA B 358 -27.12 5.06 19.25
C ALA B 358 -27.72 3.96 18.38
N ILE B 359 -27.09 3.68 17.24
CA ILE B 359 -27.64 2.65 16.37
C ILE B 359 -27.56 1.28 17.05
N ALA B 360 -26.48 1.02 17.79
CA ALA B 360 -26.37 -0.27 18.48
C ALA B 360 -27.48 -0.44 19.51
N ALA B 361 -27.73 0.62 20.28
CA ALA B 361 -28.78 0.57 21.30
C ALA B 361 -30.15 0.36 20.68
N ILE B 362 -30.44 1.06 19.59
CA ILE B 362 -31.74 0.92 18.94
C ILE B 362 -31.90 -0.49 18.38
N ALA B 363 -30.83 -1.03 17.79
CA ALA B 363 -30.89 -2.39 17.27
C ALA B 363 -31.17 -3.39 18.37
N TRP B 364 -30.53 -3.22 19.53
CA TRP B 364 -30.81 -4.12 20.64
C TRP B 364 -32.24 -3.97 21.13
N LEU B 365 -32.74 -2.75 21.19
CA LEU B 365 -34.12 -2.52 21.65
C LEU B 365 -35.12 -3.20 20.74
N LEU B 366 -34.93 -3.10 19.42
CA LEU B 366 -35.95 -3.57 18.50
C LEU B 366 -35.84 -5.06 18.21
N LEU B 367 -34.63 -5.61 18.28
CA LEU B 367 -34.38 -6.97 17.82
C LEU B 367 -34.16 -7.98 18.95
N ARG B 368 -34.54 -7.63 20.18
CA ARG B 368 -34.44 -8.57 21.29
C ARG B 368 -35.34 -9.77 21.06
N LYS B 369 -34.90 -10.92 21.58
CA LYS B 369 -35.74 -12.11 21.68
C LYS B 369 -36.32 -12.51 20.33
N LYS B 370 -35.53 -12.36 19.28
CA LYS B 370 -35.91 -12.75 17.91
C LYS B 370 -37.13 -11.95 17.42
N ARG B 371 -37.32 -10.76 17.97
CA ARG B 371 -38.39 -9.88 17.53
C ARG B 371 -38.02 -9.19 16.22
N THR B 372 -39.04 -8.72 15.52
CA THR B 372 -38.85 -8.00 14.25
C THR B 372 -39.89 -6.88 14.18
N PRO B 373 -39.47 -5.63 14.04
CA PRO B 373 -40.44 -4.54 13.89
C PRO B 373 -41.22 -4.68 12.58
N THR B 374 -42.44 -4.13 12.58
CA THR B 374 -43.32 -4.27 11.43
C THR B 374 -43.97 -2.96 10.99
N GLY B 375 -43.96 -1.92 11.80
CA GLY B 375 -44.64 -0.68 11.49
C GLY B 375 -43.75 0.33 10.81
N LYS B 376 -44.05 1.61 11.06
CA LYS B 376 -43.16 2.67 10.63
C LYS B 376 -41.85 2.63 11.39
N ILE B 377 -41.85 1.97 12.56
CA ILE B 377 -40.61 1.77 13.32
C ILE B 377 -39.60 0.98 12.49
N ALA B 378 -40.08 0.00 11.72
CA ALA B 378 -39.19 -0.77 10.87
C ALA B 378 -38.51 0.11 9.82
N ARG B 379 -39.29 1.00 9.20
CA ARG B 379 -38.72 1.88 8.18
C ARG B 379 -37.71 2.85 8.80
N LEU B 380 -38.06 3.42 9.96
CA LEU B 380 -37.12 4.30 10.65
C LEU B 380 -35.85 3.54 11.03
N PHE B 381 -35.98 2.27 11.40
CA PHE B 381 -34.81 1.47 11.77
C PHE B 381 -33.91 1.22 10.58
N GLN B 382 -34.52 0.91 9.42
CA GLN B 382 -33.73 0.74 8.20
C GLN B 382 -32.98 2.01 7.84
N ILE B 383 -33.68 3.15 7.88
CA ILE B 383 -33.04 4.42 7.56
C ILE B 383 -31.92 4.71 8.56
N GLY B 384 -32.17 4.46 9.85
CA GLY B 384 -31.16 4.73 10.85
C GLY B 384 -29.91 3.89 10.67
N SER B 385 -30.09 2.62 10.32
CA SER B 385 -28.95 1.75 10.05
C SER B 385 -28.10 2.30 8.92
N LEU B 386 -28.74 2.60 7.79
CA LEU B 386 -27.98 3.08 6.64
C LEU B 386 -27.30 4.40 6.94
N ILE B 387 -27.97 5.29 7.67
CA ILE B 387 -27.37 6.57 8.01
C ILE B 387 -26.22 6.39 9.00
N ALA B 388 -26.31 5.39 9.88
CA ALA B 388 -25.27 5.20 10.89
C ALA B 388 -23.99 4.62 10.30
N ILE B 389 -24.10 3.91 9.17
CA ILE B 389 -22.91 3.29 8.58
C ILE B 389 -21.73 4.26 8.38
N PRO B 390 -21.92 5.46 7.79
CA PRO B 390 -20.75 6.33 7.53
C PRO B 390 -20.12 6.97 8.77
N PHE B 391 -20.79 6.92 9.91
CA PHE B 391 -20.38 7.61 11.13
C PHE B 391 -18.98 7.21 11.61
N PRO B 392 -18.63 5.92 11.66
CA PRO B 392 -17.27 5.58 12.11
C PRO B 392 -16.18 5.93 11.12
N PHE B 393 -16.45 5.83 9.81
CA PHE B 393 -15.50 6.34 8.83
C PHE B 393 -15.18 7.79 9.11
N LEU B 394 -16.22 8.61 9.29
CA LEU B 394 -16.00 10.02 9.56
C LEU B 394 -15.29 10.22 10.90
N ALA B 395 -15.59 9.39 11.89
CA ALA B 395 -14.96 9.53 13.21
C ALA B 395 -13.47 9.24 13.15
N ASN B 396 -13.08 8.17 12.45
CA ASN B 396 -11.67 7.86 12.27
C ASN B 396 -10.95 8.98 11.54
N SER B 397 -11.57 9.50 10.47
CA SER B 397 -10.97 10.61 9.76
C SER B 397 -10.81 11.82 10.66
N ALA B 398 -11.81 12.11 11.48
CA ALA B 398 -11.75 13.26 12.37
C ALA B 398 -10.65 13.11 13.41
N GLY B 399 -10.51 11.90 13.96
CA GLY B 399 -9.46 11.68 14.95
C GLY B 399 -8.07 11.84 14.37
N TRP B 400 -7.85 11.27 13.19
CA TRP B 400 -6.54 11.43 12.56
C TRP B 400 -6.27 12.86 12.11
N ILE B 401 -7.31 13.56 11.64
CA ILE B 401 -7.14 14.96 11.28
C ILE B 401 -6.77 15.77 12.51
N PHE B 402 -7.41 15.48 13.64
CA PHE B 402 -7.03 16.13 14.89
C PHE B 402 -5.56 15.87 15.21
N THR B 403 -5.15 14.60 15.13
CA THR B 403 -3.75 14.24 15.41
C THR B 403 -2.78 15.06 14.54
N GLU B 404 -3.01 15.05 13.23
CA GLU B 404 -2.02 15.62 12.31
C GLU B 404 -2.07 17.14 12.30
N MET B 405 -3.25 17.73 12.49
CA MET B 405 -3.33 19.19 12.53
C MET B 405 -2.81 19.74 13.85
N GLY B 406 -3.06 19.02 14.95
CA GLY B 406 -2.49 19.44 16.22
C GLY B 406 -1.00 19.17 16.30
N ARG B 407 -0.49 18.30 15.43
CA ARG B 407 0.95 18.13 15.32
C ARG B 407 1.63 19.39 14.81
N GLN B 408 0.89 20.26 14.12
CA GLN B 408 1.48 21.43 13.48
C GLN B 408 2.01 22.41 14.52
N PRO B 409 3.01 23.24 14.14
CA PRO B 409 3.66 23.30 12.84
C PRO B 409 4.86 22.37 12.73
N TRP B 410 4.86 21.29 13.48
CA TRP B 410 5.98 20.37 13.56
C TRP B 410 5.70 19.16 12.70
N VAL B 411 6.69 18.78 11.89
CA VAL B 411 6.63 17.47 11.24
C VAL B 411 7.29 16.43 12.13
N VAL B 412 8.23 16.85 12.96
CA VAL B 412 8.73 16.06 14.09
C VAL B 412 8.62 16.96 15.31
N HIS B 413 7.83 16.57 16.28
CA HIS B 413 7.55 17.42 17.42
C HIS B 413 8.74 17.44 18.37
N PRO B 414 8.99 18.55 19.07
CA PRO B 414 10.04 18.55 20.09
C PRO B 414 9.60 17.83 21.35
N ASN B 415 10.31 16.78 21.72
CA ASN B 415 9.96 15.99 22.89
C ASN B 415 10.17 16.83 24.14
N PRO B 416 9.14 17.05 24.96
CA PRO B 416 9.31 17.96 26.10
C PRO B 416 10.37 17.52 27.10
N GLU B 417 10.53 16.20 27.29
CA GLU B 417 11.56 15.71 28.20
C GLU B 417 12.94 15.86 27.59
N SER B 418 13.03 15.96 26.27
CA SER B 418 14.30 16.08 25.60
C SER B 418 14.80 17.52 25.53
N ALA B 419 14.08 18.47 26.14
CA ALA B 419 14.46 19.87 26.02
C ALA B 419 15.82 20.15 26.65
N GLY B 420 16.04 19.65 27.87
CA GLY B 420 17.31 19.89 28.53
C GLY B 420 18.47 19.20 27.86
N ASP B 421 18.27 17.95 27.43
CA ASP B 421 19.35 17.11 26.92
C ASP B 421 19.84 17.68 25.59
N ALA B 422 21.10 18.13 25.57
CA ALA B 422 21.66 18.71 24.36
C ALA B 422 21.79 17.67 23.25
N ARG B 423 22.17 16.44 23.59
CA ARG B 423 22.41 15.43 22.56
C ARG B 423 21.11 14.93 21.94
N THR B 424 19.95 15.34 22.47
CA THR B 424 18.67 15.03 21.87
C THR B 424 17.77 16.25 21.69
N GLU B 425 18.25 17.47 21.97
CA GLU B 425 17.38 18.64 21.89
C GLU B 425 17.09 19.05 20.45
N MET B 426 17.86 18.56 19.49
CA MET B 426 17.75 18.97 18.10
C MET B 426 16.96 17.99 17.24
N ILE B 427 16.09 17.19 17.84
CA ILE B 427 15.33 16.21 17.08
C ILE B 427 14.07 16.87 16.53
N ARG B 428 13.88 18.15 16.81
CA ARG B 428 12.72 18.87 16.32
C ARG B 428 12.88 19.25 14.85
N MET B 429 11.75 19.47 14.19
CA MET B 429 11.72 19.97 12.82
C MET B 429 10.34 20.57 12.56
N THR B 430 10.30 21.61 11.74
CA THR B 430 9.06 22.24 11.32
C THR B 430 8.66 21.76 9.93
N VAL B 431 7.45 22.15 9.52
CA VAL B 431 6.93 21.70 8.23
C VAL B 431 7.54 22.50 7.09
N ASP B 432 7.82 23.78 7.32
CA ASP B 432 8.46 24.59 6.29
C ASP B 432 9.87 24.10 5.98
N MET B 433 10.58 23.62 6.99
CA MET B 433 11.96 23.17 6.83
C MET B 433 12.06 21.72 6.40
N GLY B 434 10.95 21.00 6.28
CA GLY B 434 11.00 19.60 5.94
C GLY B 434 10.51 19.29 4.54
N VAL B 435 9.95 20.30 3.87
CA VAL B 435 9.35 20.09 2.56
C VAL B 435 10.45 20.09 1.50
N SER B 436 10.31 19.22 0.50
CA SER B 436 11.19 19.26 -0.65
C SER B 436 10.81 20.44 -1.54
N ASP B 437 11.81 21.22 -1.93
CA ASP B 437 11.57 22.44 -2.69
C ASP B 437 11.25 22.07 -4.13
N HIS B 438 10.01 22.33 -4.55
CA HIS B 438 9.58 22.05 -5.90
C HIS B 438 9.02 23.31 -6.53
N ALA B 439 8.99 23.31 -7.86
CA ALA B 439 8.21 24.31 -8.58
C ALA B 439 6.74 24.06 -8.32
N PRO B 440 5.97 25.06 -7.92
CA PRO B 440 4.60 24.80 -7.45
C PRO B 440 3.69 24.16 -8.48
N TRP B 441 4.00 24.29 -9.77
CA TRP B 441 3.12 23.70 -10.78
C TRP B 441 3.15 22.18 -10.71
N GLN B 442 4.30 21.61 -10.37
CA GLN B 442 4.40 20.15 -10.21
C GLN B 442 3.51 19.67 -9.07
N VAL B 443 3.55 20.36 -7.94
CA VAL B 443 2.75 19.94 -6.79
C VAL B 443 1.27 20.16 -7.06
N TRP B 444 0.93 21.24 -7.76
CA TRP B 444 -0.46 21.45 -8.17
C TRP B 444 -0.95 20.32 -9.05
N LEU B 445 -0.11 19.93 -10.03
CA LEU B 445 -0.46 18.84 -10.94
C LEU B 445 -0.71 17.55 -10.17
N THR B 446 0.19 17.21 -9.24
CA THR B 446 0.06 15.96 -8.52
C THR B 446 -1.15 15.98 -7.59
N LEU B 447 -1.38 17.11 -6.91
CA LEU B 447 -2.53 17.23 -6.02
C LEU B 447 -3.83 17.08 -6.78
N ILE B 448 -3.96 17.77 -7.92
CA ILE B 448 -5.19 17.67 -8.70
C ILE B 448 -5.38 16.24 -9.23
N GLY B 449 -4.31 15.65 -9.75
CA GLY B 449 -4.43 14.30 -10.29
C GLY B 449 -4.86 13.29 -9.23
N PHE B 450 -4.23 13.35 -8.06
CA PHE B 450 -4.57 12.43 -6.99
C PHE B 450 -6.00 12.66 -6.51
N THR B 451 -6.40 13.92 -6.36
CA THR B 451 -7.75 14.21 -5.87
C THR B 451 -8.81 13.68 -6.83
N ILE B 452 -8.62 13.89 -8.14
CA ILE B 452 -9.60 13.44 -9.11
C ILE B 452 -9.64 11.91 -9.17
N LEU B 453 -8.47 11.27 -9.22
CA LEU B 453 -8.42 9.81 -9.30
C LEU B 453 -9.04 9.20 -8.05
N TYR B 454 -8.79 9.79 -6.89
CA TYR B 454 -9.33 9.25 -5.64
C TYR B 454 -10.83 9.47 -5.54
N LEU B 455 -11.32 10.59 -6.06
CA LEU B 455 -12.76 10.81 -6.07
C LEU B 455 -13.44 9.76 -6.94
N ILE B 456 -12.86 9.47 -8.10
CA ILE B 456 -13.41 8.42 -8.95
C ILE B 456 -13.41 7.08 -8.22
N LEU B 457 -12.30 6.75 -7.55
CA LEU B 457 -12.21 5.47 -6.88
C LEU B 457 -13.21 5.36 -5.73
N PHE B 458 -13.37 6.43 -4.95
CA PHE B 458 -14.32 6.41 -3.86
C PHE B 458 -15.75 6.28 -4.35
N VAL B 459 -16.09 6.97 -5.44
CA VAL B 459 -17.44 6.88 -5.99
C VAL B 459 -17.73 5.47 -6.49
N VAL B 460 -16.77 4.87 -7.20
CA VAL B 460 -16.97 3.51 -7.68
C VAL B 460 -17.04 2.54 -6.50
N TRP B 461 -16.27 2.80 -5.45
CA TRP B 461 -16.28 1.96 -4.25
C TRP B 461 -17.65 1.97 -3.59
N VAL B 462 -18.22 3.17 -3.41
CA VAL B 462 -19.56 3.29 -2.82
C VAL B 462 -20.58 2.58 -3.68
N TRP B 463 -20.52 2.81 -5.00
CA TRP B 463 -21.45 2.18 -5.92
C TRP B 463 -21.37 0.66 -5.82
N LEU B 464 -20.16 0.15 -5.70
CA LEU B 464 -19.95 -1.29 -5.78
C LEU B 464 -20.37 -1.99 -4.49
N ILE B 465 -20.10 -1.36 -3.34
CA ILE B 465 -20.62 -1.89 -2.08
C ILE B 465 -22.14 -1.82 -2.04
N ARG B 466 -22.71 -0.71 -2.53
CA ARG B 466 -24.17 -0.61 -2.55
C ARG B 466 -24.77 -1.70 -3.42
N ARG B 467 -24.14 -1.98 -4.56
CA ARG B 467 -24.62 -3.04 -5.43
C ARG B 467 -24.56 -4.39 -4.72
N ALA B 468 -23.43 -4.68 -4.04
CA ALA B 468 -23.29 -5.96 -3.35
C ALA B 468 -24.33 -6.11 -2.25
N VAL B 469 -24.57 -5.04 -1.49
CA VAL B 469 -25.55 -5.10 -0.40
C VAL B 469 -26.96 -5.30 -0.95
N LEU B 470 -27.31 -4.57 -2.01
CA LEU B 470 -28.64 -4.69 -2.58
C LEU B 470 -28.88 -6.06 -3.18
N ILE B 471 -27.82 -6.69 -3.69
CA ILE B 471 -27.96 -8.08 -4.22
C ILE B 471 -28.39 -8.99 -3.06
N GLY B 472 -27.85 -8.77 -1.87
CA GLY B 472 -28.26 -9.55 -0.69
C GLY B 472 -27.42 -10.79 -0.47
N PRO B 473 -27.73 -11.64 0.53
CA PRO B 473 -26.93 -12.83 0.85
C PRO B 473 -27.07 -13.91 -0.24
N PRO B 474 -26.08 -14.81 -0.39
CA PRO B 474 -26.13 -15.85 -1.43
C PRO B 474 -27.25 -16.86 -1.17
N GLU B 475 -27.90 -17.34 -2.23
CA GLU B 475 -28.97 -18.35 -2.10
C GLU B 475 -28.38 -19.64 -1.51
N GLU B 476 -27.17 -20.01 -1.95
CA GLU B 476 -26.52 -21.26 -1.48
C GLU B 476 -26.14 -21.13 -0.02
N GLY B 477 -25.95 -22.27 0.67
CA GLY B 477 -25.48 -22.23 2.04
C GLY B 477 -24.14 -22.91 2.22
N ALA B 478 -23.64 -23.53 1.16
CA ALA B 478 -22.36 -24.22 1.19
C ALA B 478 -21.67 -24.02 -0.15
N PRO B 479 -20.35 -24.02 -0.18
CA PRO B 479 -19.63 -23.84 -1.45
C PRO B 479 -19.98 -24.95 -2.43
N SER B 480 -20.10 -24.58 -3.70
CA SER B 480 -20.49 -25.51 -4.76
C SER B 480 -19.40 -25.57 -5.81
N VAL B 481 -19.04 -26.79 -6.21
CA VAL B 481 -18.04 -26.95 -7.27
C VAL B 481 -18.54 -26.30 -8.55
N GLU B 482 -19.78 -26.58 -8.92
CA GLU B 482 -20.42 -25.80 -9.98
C GLU B 482 -20.66 -24.38 -9.49
N ALA B 483 -20.45 -23.42 -10.39
CA ALA B 483 -20.41 -21.98 -10.15
C ALA B 483 -19.15 -21.56 -9.41
N LYS B 484 -18.34 -22.51 -8.94
CA LYS B 484 -17.00 -22.24 -8.39
C LYS B 484 -17.03 -21.14 -7.34
N THR B 485 -18.02 -21.21 -6.44
CA THR B 485 -18.13 -20.23 -5.37
C THR B 485 -17.58 -20.79 -4.07
N GLY B 486 -17.11 -19.89 -3.22
CA GLY B 486 -16.60 -20.24 -1.92
C GLY B 486 -16.77 -19.10 -0.95
N PRO B 487 -16.20 -19.20 0.25
CA PRO B 487 -16.35 -18.13 1.24
C PRO B 487 -15.78 -16.80 0.79
N ALA B 488 -14.99 -16.76 -0.29
CA ALA B 488 -14.37 -15.54 -0.77
C ALA B 488 -14.97 -15.02 -2.07
N THR B 489 -15.95 -15.70 -2.64
CA THR B 489 -16.50 -15.28 -3.93
C THR B 489 -17.37 -14.05 -3.74
N PRO B 490 -17.17 -12.99 -4.53
CA PRO B 490 -18.01 -11.79 -4.39
C PRO B 490 -19.45 -12.08 -4.79
N ILE B 491 -20.37 -11.35 -4.15
CA ILE B 491 -21.80 -11.64 -4.29
C ILE B 491 -22.26 -11.39 -5.73
N GLY B 492 -21.83 -10.30 -6.34
CA GLY B 492 -22.28 -9.97 -7.67
C GLY B 492 -21.36 -10.42 -8.79
N SER B 493 -20.57 -11.47 -8.55
CA SER B 493 -19.56 -11.88 -9.52
C SER B 493 -20.18 -12.44 -10.80
N ASP B 494 -21.47 -12.75 -10.79
CA ASP B 494 -22.14 -13.35 -11.94
C ASP B 494 -23.37 -12.56 -12.36
N MET B 495 -23.36 -11.25 -12.11
CA MET B 495 -24.50 -10.40 -12.38
C MET B 495 -24.05 -9.15 -13.12
N PRO B 496 -24.92 -8.55 -13.92
CA PRO B 496 -24.56 -7.32 -14.64
C PRO B 496 -24.33 -6.16 -13.69
N MET B 497 -24.01 -5.00 -14.28
CA MET B 497 -23.72 -3.82 -13.48
C MET B 497 -24.93 -3.41 -12.65
N THR B 498 -26.13 -3.47 -13.24
CA THR B 498 -27.37 -3.30 -12.49
C THR B 498 -28.11 -4.61 -12.49
N PRO B 499 -28.13 -5.35 -11.37
CA PRO B 499 -28.82 -6.64 -11.35
C PRO B 499 -30.30 -6.48 -11.64
N LEU B 500 -30.86 -7.48 -12.35
CA LEU B 500 -32.23 -7.37 -12.83
C LEU B 500 -33.23 -7.27 -11.69
N GLN B 501 -33.04 -8.06 -10.64
CA GLN B 501 -33.95 -8.02 -9.50
C GLN B 501 -33.48 -7.01 -8.45
FE HDD C . -1.47 1.92 5.37
CHA HDD C . -2.09 -0.55 3.30
CHB HDD C . 1.26 2.90 3.49
CHC HDD C . -1.19 4.74 7.33
CHD HDD C . -3.10 0.37 7.78
NA HDD C . -0.54 1.28 3.65
C1A HDD C . -0.94 0.24 2.92
C2A HDD C . -0.15 -0.05 1.73
C3A HDD C . 0.86 0.99 1.77
C4A HDD C . 0.52 1.74 2.99
CMA HDD C . 1.97 1.19 0.78
CAA HDD C . -0.36 -1.15 0.72
CBA HDD C . 0.77 -2.16 0.80
CGA HDD C . 0.23 -3.53 0.46
O1A HDD C . 0.48 -4.05 -0.65
O2A HDD C . -0.47 -4.11 1.30
NB HDD C . -0.19 3.55 5.41
C1B HDD C . 0.84 3.78 4.59
C2B HDD C . 1.57 5.02 4.84
C3B HDD C . 0.86 5.58 5.98
C4B HDD C . -0.20 4.61 6.25
CMB HDD C . 2.75 5.49 4.06
CAB HDD C . 1.20 6.86 6.64
CBB HDD C . 1.64 7.93 6.03
NC HDD C . -2.05 2.50 7.27
C1C HDD C . -1.89 3.63 7.94
C2C HDD C . -2.46 3.66 9.32
C3C HDD C . -3.01 2.33 9.39
C4C HDD C . -2.71 1.73 8.11
CMC HDD C . -2.48 4.73 10.35
CAC HDD C . -3.75 1.63 10.48
CBC HDD C . -3.94 2.18 11.66
ND HDD C . -2.44 0.35 5.49
C1D HDD C . -3.02 -0.14 6.58
C2D HDD C . -3.72 -1.43 6.34
C3D HDD C . -3.85 -1.35 4.85
C4D HDD C . -2.69 -0.48 4.49
CMD HDD C . -5.01 -1.41 7.13
CAD HDD C . -5.14 -0.76 4.32
CBD HDD C . -5.84 -1.88 3.56
CGD HDD C . -4.72 -2.86 3.36
O1D HDD C . -3.60 -2.55 4.18
O2D HDD C . -4.73 -3.81 2.60
OND HDD C . -2.97 -2.51 6.83
FE HEB D . -0.11 12.29 8.11
CHA HEB D . 0.81 15.75 7.04
CHB HEB D . -3.70 13.16 7.94
CHC HEB D . -0.96 8.85 9.14
CHD HEB D . 3.55 11.29 8.28
NA HEB D . -1.16 14.07 7.60
C1A HEB D . -0.59 15.34 7.21
C2A HEB D . -1.71 16.02 7.04
C3A HEB D . -2.82 15.51 7.22
C4A HEB D . -2.71 14.20 7.61
CMA HEB D . -4.15 16.23 7.05
CAA HEB D . -1.63 17.49 6.61
CBA HEB D . -1.77 18.37 7.84
CGA HEB D . -1.04 19.68 7.59
O1A HEB D . 0.19 19.67 7.32
O2A HEB D . -1.66 20.77 7.67
NB HEB D . -1.96 11.23 8.47
C1B HEB D . -3.32 11.78 8.34
C2B HEB D . -4.00 10.72 8.68
C3B HEB D . -3.42 9.67 8.97
C4B HEB D . -2.06 9.79 8.89
CMB HEB D . -5.50 10.78 8.70
CAB HEB D . -4.13 8.39 9.36
CBB HEB D . -3.91 7.36 8.28
NC HEB D . 1.10 10.57 8.58
C1C HEB D . 0.49 9.23 8.99
C2C HEB D . 1.49 8.54 9.17
C3C HEB D . 2.61 9.01 9.00
C4C HEB D . 2.56 10.39 8.58
CMC HEB D . 1.34 7.09 9.60
CAC HEB D . 3.90 8.24 9.18
CBC HEB D . 4.97 9.07 9.86
ND HEB D . 1.96 13.33 7.74
C1D HEB D . 3.26 12.71 7.88
C2D HEB D . 3.99 13.76 7.55
C3D HEB D . 3.46 14.98 7.20
C4D HEB D . 2.01 14.80 7.30
CMD HEB D . 5.49 13.62 7.55
CAD HEB D . 4.22 16.25 6.80
CBD HEB D . 3.98 17.35 7.82
CGD HEB D . 2.59 17.91 7.60
O1D HEB D . 1.90 18.25 8.59
O2D HEB D . 2.14 18.02 6.43
FE HEB E . -10.07 8.86 19.39
CHA HEB E . -6.60 9.88 18.45
CHB HEB E . -9.68 10.43 22.70
CHC HEB E . -13.52 7.85 20.25
CHD HEB E . -10.60 7.23 15.99
NA HEB E . -8.48 9.91 20.31
C1A HEB E . -7.17 10.20 19.76
C2A HEB E . -6.66 10.85 20.80
C3A HEB E . -7.30 11.03 21.83
C4A HEB E . -8.55 10.49 21.76
CMA HEB E . -6.76 11.77 23.06
CAA HEB E . -5.22 11.39 20.73
CBA HEB E . -5.00 12.23 19.47
CGA HEB E . -3.51 12.32 19.23
O1A HEB E . -2.84 11.28 18.98
O2A HEB E . -2.93 13.44 19.27
NB HEB E . -11.36 9.11 21.12
C1B HEB E . -10.98 9.77 22.38
C2B HEB E . -12.09 9.61 23.03
C3B HEB E . -13.04 9.00 22.53
C4B HEB E . -12.75 8.58 21.25
CMB HEB E . -12.22 10.15 24.44
CAB HEB E . -14.36 8.77 23.23
CBB HEB E . -15.42 9.66 22.61
NC HEB E . -11.61 7.80 18.29
C1C HEB E . -12.98 7.49 18.88
C2C HEB E . -13.52 6.89 17.96
C3C HEB E . -12.92 6.68 16.91
C4C HEB E . -11.59 7.22 16.94
CMC HEB E . -14.95 6.39 18.13
CAC HEB E . -13.52 5.95 15.74
CBC HEB E . -12.68 4.76 15.31
ND HEB E . -8.83 8.56 17.42
C1D HEB E . -9.27 7.87 16.24
C2D HEB E . -8.15 8.02 15.53
C3D HEB E . -7.03 8.67 15.99
C4D HEB E . -7.39 9.10 17.36
CMD HEB E . -8.11 7.45 14.14
CAD HEB E . -5.71 8.89 15.26
CBD HEB E . -4.77 7.75 15.58
CGD HEB E . -4.42 7.79 17.06
O1D HEB E . -4.37 6.73 17.73
O2D HEB E . -4.19 8.89 17.62
#